data_5CM7
#
_entry.id   5CM7
#
_cell.length_a   50.750
_cell.length_b   117.120
_cell.length_c   55.890
_cell.angle_alpha   90.000
_cell.angle_beta   108.570
_cell.angle_gamma   90.000
#
_symmetry.space_group_name_H-M   'P 1 21 1'
#
loop_
_entity.id
_entity.type
_entity.pdbx_description
1 polymer 'Thiamine-monophosphate kinase'
2 non-polymer "ADENOSINE-5'-DIPHOSPHATE"
3 non-polymer 'CALCIUM ION'
4 non-polymer 'MAGNESIUM ION'
5 non-polymer 'SODIUM ION'
6 non-polymer 'THIAMINE DIPHOSPHATE'
7 water water
#
_entity_poly.entity_id   1
_entity_poly.type   'polypeptide(L)'
_entity_poly.pdbx_seq_one_letter_code
;MAHHHHHHMAEFSIIDQYFNRQSHPDVALGIGDDSALITPPPNQQLVICADTLVAGRHFPLETSPHAIGWKSVAVNLSDI
AAMGAKPHSILLAISLPQVDHEWLEGFSQGIYDCCNQFGVALIGGDTTQGPHLTITVTAMGWIETGKAVLRSGAKVGDYV
CVSGQIGDAAYGLQHLGHSLQQRLDYPTPRCKLGEELKGLASSMIDVSDGLAQDLGHILKASKVGARLILEKLPVDPVLQ
QIEEQQRWQYALAGGDDYELCFTITPQNYEKLLQKQLDVKITMIGQIVEQTKLTFEHLGSDYPLQIHGYQHFA
;
_entity_poly.pdbx_strand_id   A,B
#
loop_
_chem_comp.id
_chem_comp.type
_chem_comp.name
_chem_comp.formula
ADP non-polymer ADENOSINE-5'-DIPHOSPHATE 'C10 H15 N5 O10 P2'
CA non-polymer 'CALCIUM ION' 'Ca 2'
MG non-polymer 'MAGNESIUM ION' 'Mg 2'
NA non-polymer 'SODIUM ION' 'Na 1'
TPP non-polymer 'THIAMINE DIPHOSPHATE' 'C12 H19 N4 O7 P2 S 1'
#
# COMPACT_ATOMS: atom_id res chain seq x y z
N MET A 9 -19.68 -7.53 -15.41
CA MET A 9 -18.59 -8.15 -14.67
C MET A 9 -18.44 -7.51 -13.29
N ALA A 10 -18.25 -8.34 -12.27
CA ALA A 10 -18.07 -7.83 -10.92
C ALA A 10 -16.64 -8.03 -10.45
N GLU A 11 -16.40 -7.71 -9.18
CA GLU A 11 -15.07 -7.65 -8.60
C GLU A 11 -14.15 -8.83 -8.92
N PHE A 12 -14.61 -10.05 -8.66
CA PHE A 12 -13.71 -11.20 -8.74
C PHE A 12 -13.31 -11.45 -10.19
N SER A 13 -14.26 -11.28 -11.09
CA SER A 13 -13.98 -11.42 -12.51
CA SER A 13 -14.01 -11.39 -12.52
C SER A 13 -13.03 -10.31 -12.99
N ILE A 14 -13.19 -9.11 -12.44
CA ILE A 14 -12.30 -8.00 -12.78
C ILE A 14 -10.87 -8.29 -12.37
N ILE A 15 -10.68 -8.83 -11.16
CA ILE A 15 -9.34 -9.15 -10.69
C ILE A 15 -8.73 -10.22 -11.58
N ASP A 16 -9.50 -11.25 -11.90
CA ASP A 16 -8.93 -12.35 -12.67
C ASP A 16 -8.62 -11.94 -14.10
N GLN A 17 -9.42 -11.04 -14.66
CA GLN A 17 -9.26 -10.62 -16.04
CA GLN A 17 -9.23 -10.65 -16.05
C GLN A 17 -8.15 -9.59 -16.22
N TYR A 18 -8.12 -8.61 -15.32
CA TYR A 18 -7.23 -7.47 -15.50
C TYR A 18 -6.01 -7.43 -14.60
N PHE A 19 -6.07 -8.07 -13.43
CA PHE A 19 -5.01 -7.89 -12.44
C PHE A 19 -4.36 -9.20 -12.00
N ASN A 20 -4.49 -10.23 -12.82
CA ASN A 20 -3.82 -11.51 -12.56
C ASN A 20 -3.33 -12.07 -13.90
N ARG A 21 -2.58 -11.25 -14.63
CA ARG A 21 -2.32 -11.49 -16.04
C ARG A 21 -1.02 -12.22 -16.30
N GLN A 22 -0.14 -12.28 -15.30
CA GLN A 22 1.15 -12.92 -15.52
C GLN A 22 1.57 -13.85 -14.39
N SER A 23 2.41 -14.80 -14.75
CA SER A 23 3.00 -15.73 -13.80
C SER A 23 4.28 -15.12 -13.26
N HIS A 24 4.46 -15.20 -11.95
CA HIS A 24 5.67 -14.72 -11.30
C HIS A 24 6.25 -15.85 -10.45
N PRO A 25 6.84 -16.88 -11.10
CA PRO A 25 7.20 -18.07 -10.31
C PRO A 25 8.27 -17.84 -9.23
N ASP A 26 8.96 -16.70 -9.28
CA ASP A 26 9.97 -16.39 -8.26
C ASP A 26 9.38 -15.71 -7.03
N VAL A 27 8.06 -15.60 -6.98
CA VAL A 27 7.34 -15.08 -5.82
C VAL A 27 6.74 -16.24 -5.03
N ALA A 28 7.02 -16.34 -3.72
CA ALA A 28 6.58 -17.51 -2.97
C ALA A 28 5.04 -17.70 -2.97
N LEU A 29 4.30 -16.62 -2.81
CA LEU A 29 2.83 -16.70 -2.96
C LEU A 29 2.30 -15.38 -3.48
N GLY A 30 1.75 -15.43 -4.70
CA GLY A 30 1.14 -14.25 -5.29
C GLY A 30 -0.35 -14.21 -5.07
N ILE A 31 -1.04 -13.54 -5.99
CA ILE A 31 -2.46 -13.27 -5.89
C ILE A 31 -3.27 -14.54 -5.63
N GLY A 32 -4.22 -14.44 -4.71
CA GLY A 32 -5.15 -15.52 -4.47
C GLY A 32 -5.39 -15.90 -3.01
N ASP A 33 -4.61 -15.31 -2.11
CA ASP A 33 -4.74 -15.60 -0.68
C ASP A 33 -4.91 -14.29 0.09
N ASP A 34 -4.99 -14.38 1.42
CA ASP A 34 -5.27 -13.17 2.21
C ASP A 34 -4.10 -12.18 2.19
N SER A 35 -2.90 -12.73 2.09
CA SER A 35 -1.68 -11.95 1.95
C SER A 35 -0.81 -12.58 0.88
N ALA A 36 0.15 -11.81 0.38
CA ALA A 36 1.22 -12.34 -0.45
C ALA A 36 2.39 -12.75 0.43
N LEU A 37 3.19 -13.69 -0.06
CA LEU A 37 4.40 -14.13 0.64
C LEU A 37 5.63 -13.90 -0.21
N ILE A 38 6.66 -13.31 0.38
CA ILE A 38 7.96 -13.14 -0.28
CA ILE A 38 7.95 -13.13 -0.28
C ILE A 38 9.06 -13.70 0.60
N THR A 39 9.87 -14.59 0.02
CA THR A 39 11.07 -15.05 0.69
C THR A 39 12.16 -14.02 0.42
N PRO A 40 12.64 -13.33 1.47
CA PRO A 40 13.68 -12.30 1.27
C PRO A 40 14.98 -12.85 0.67
N PRO A 41 15.64 -12.05 -0.17
CA PRO A 41 17.01 -12.44 -0.52
C PRO A 41 17.86 -12.36 0.74
N PRO A 42 18.88 -13.22 0.86
CA PRO A 42 19.68 -13.22 2.09
C PRO A 42 20.38 -11.88 2.35
N ASN A 43 20.47 -11.50 3.61
CA ASN A 43 21.30 -10.37 4.04
C ASN A 43 20.82 -9.05 3.43
N GLN A 44 19.51 -8.93 3.23
CA GLN A 44 18.94 -7.71 2.70
C GLN A 44 17.76 -7.22 3.52
N GLN A 45 17.60 -5.90 3.57
CA GLN A 45 16.47 -5.27 4.25
C GLN A 45 15.33 -5.04 3.29
N LEU A 46 14.11 -5.11 3.80
CA LEU A 46 12.93 -4.69 3.04
C LEU A 46 12.87 -3.17 2.93
N VAL A 47 12.61 -2.69 1.72
CA VAL A 47 12.45 -1.27 1.42
C VAL A 47 11.01 -1.10 0.96
N ILE A 48 10.23 -0.25 1.62
CA ILE A 48 8.80 -0.25 1.34
C ILE A 48 8.21 1.16 1.39
N CYS A 49 7.31 1.43 0.44
CA CYS A 49 6.70 2.74 0.30
C CYS A 49 5.33 2.62 -0.35
N ALA A 50 4.51 3.66 -0.18
CA ALA A 50 3.24 3.75 -0.88
C ALA A 50 2.96 5.21 -1.24
N ASP A 51 2.41 5.41 -2.44
CA ASP A 51 2.03 6.72 -2.98
C ASP A 51 0.62 6.60 -3.57
N THR A 52 -0.20 7.61 -3.36
CA THR A 52 -1.57 7.64 -3.88
C THR A 52 -1.70 8.61 -5.05
N LEU A 53 -2.37 8.18 -6.12
CA LEU A 53 -2.72 9.13 -7.18
C LEU A 53 -4.23 9.33 -7.19
N VAL A 54 -4.66 10.59 -7.17
CA VAL A 54 -6.08 10.95 -7.17
C VAL A 54 -6.43 11.57 -8.51
N ALA A 55 -7.46 11.06 -9.18
CA ALA A 55 -7.85 11.61 -10.48
C ALA A 55 -8.19 13.10 -10.36
N GLY A 56 -7.65 13.90 -11.29
CA GLY A 56 -7.90 15.33 -11.29
C GLY A 56 -6.96 16.12 -10.41
N ARG A 57 -6.21 15.41 -9.57
CA ARG A 57 -5.20 16.05 -8.73
CA ARG A 57 -5.22 16.00 -8.69
C ARG A 57 -3.80 15.65 -9.18
N HIS A 58 -3.55 14.35 -9.35
CA HIS A 58 -2.25 13.88 -9.80
C HIS A 58 -2.16 13.70 -11.30
N PHE A 59 -3.30 13.74 -11.98
CA PHE A 59 -3.31 13.66 -13.42
C PHE A 59 -4.59 14.30 -13.93
N PRO A 60 -4.53 14.93 -15.12
CA PRO A 60 -5.74 15.48 -15.72
C PRO A 60 -6.82 14.41 -15.84
N LEU A 61 -8.07 14.82 -15.69
CA LEU A 61 -9.17 13.86 -15.72
C LEU A 61 -9.21 13.07 -17.03
N GLU A 62 -8.72 13.68 -18.09
CA GLU A 62 -8.80 13.09 -19.42
CA GLU A 62 -8.82 13.09 -19.42
C GLU A 62 -7.63 12.17 -19.74
N THR A 63 -6.72 12.00 -18.78
CA THR A 63 -5.52 11.19 -18.97
C THR A 63 -5.87 9.77 -19.41
N SER A 64 -5.11 9.23 -20.36
CA SER A 64 -5.40 7.88 -20.86
C SER A 64 -5.21 6.87 -19.73
N PRO A 65 -6.03 5.82 -19.73
CA PRO A 65 -5.93 4.83 -18.66
C PRO A 65 -4.56 4.15 -18.64
N HIS A 66 -3.96 3.95 -19.81
CA HIS A 66 -2.63 3.34 -19.86
C HIS A 66 -1.62 4.19 -19.12
N ALA A 67 -1.66 5.51 -19.35
CA ALA A 67 -0.76 6.42 -18.66
C ALA A 67 -1.00 6.42 -17.16
N ILE A 68 -2.28 6.34 -16.77
CA ILE A 68 -2.61 6.31 -15.35
C ILE A 68 -2.01 5.08 -14.69
N GLY A 69 -2.13 3.93 -15.34
CA GLY A 69 -1.56 2.70 -14.81
C GLY A 69 -0.04 2.77 -14.72
N TRP A 70 0.59 3.23 -15.80
CA TRP A 70 2.03 3.38 -15.81
C TRP A 70 2.50 4.26 -14.65
N LYS A 71 1.90 5.44 -14.52
CA LYS A 71 2.42 6.40 -13.55
C LYS A 71 2.16 5.93 -12.12
N SER A 72 1.05 5.22 -11.90
CA SER A 72 0.75 4.65 -10.59
C SER A 72 1.89 3.77 -10.10
N VAL A 73 2.50 3.00 -11.00
CA VAL A 73 3.63 2.16 -10.63
C VAL A 73 4.90 3.00 -10.56
N ALA A 74 5.11 3.84 -11.58
CA ALA A 74 6.38 4.53 -11.72
C ALA A 74 6.73 5.41 -10.52
N VAL A 75 5.75 6.13 -9.97
CA VAL A 75 6.06 7.04 -8.88
C VAL A 75 6.50 6.27 -7.64
N ASN A 76 6.00 5.06 -7.48
CA ASN A 76 6.40 4.25 -6.35
C ASN A 76 7.77 3.61 -6.56
N LEU A 77 8.08 3.17 -7.79
CA LEU A 77 9.42 2.66 -8.06
C LEU A 77 10.46 3.77 -7.85
N SER A 78 10.04 5.02 -8.06
CA SER A 78 10.92 6.17 -7.87
CA SER A 78 10.92 6.17 -7.85
C SER A 78 11.37 6.32 -6.40
N ASP A 79 10.46 6.07 -5.45
CA ASP A 79 10.84 6.13 -4.03
C ASP A 79 11.72 4.97 -3.61
N ILE A 80 11.58 3.81 -4.25
CA ILE A 80 12.49 2.69 -3.98
C ILE A 80 13.89 3.05 -4.50
N ALA A 81 13.94 3.59 -5.73
CA ALA A 81 15.20 3.98 -6.36
C ALA A 81 15.93 5.04 -5.53
N ALA A 82 15.15 5.90 -4.87
CA ALA A 82 15.72 7.00 -4.09
C ALA A 82 16.46 6.50 -2.86
N MET A 83 16.27 5.23 -2.51
CA MET A 83 16.99 4.61 -1.39
C MET A 83 18.23 3.83 -1.85
N GLY A 84 18.42 3.68 -3.16
CA GLY A 84 19.50 2.85 -3.68
C GLY A 84 19.14 1.38 -3.80
N ALA A 85 17.86 1.07 -3.66
CA ALA A 85 17.39 -0.31 -3.56
C ALA A 85 16.96 -0.87 -4.91
N LYS A 86 16.85 -2.19 -4.98
CA LYS A 86 16.35 -2.87 -6.17
C LYS A 86 14.87 -3.17 -6.00
N PRO A 87 14.03 -2.66 -6.91
CA PRO A 87 12.59 -2.94 -6.76
C PRO A 87 12.24 -4.40 -7.05
N HIS A 88 11.21 -4.91 -6.37
CA HIS A 88 10.86 -6.33 -6.45
C HIS A 88 9.39 -6.60 -6.81
N SER A 89 8.47 -5.97 -6.09
CA SER A 89 7.04 -6.26 -6.26
CA SER A 89 7.04 -6.28 -6.22
C SER A 89 6.18 -5.08 -5.85
N ILE A 90 4.91 -5.12 -6.24
CA ILE A 90 3.98 -4.08 -5.85
C ILE A 90 2.65 -4.70 -5.41
N LEU A 91 1.90 -3.93 -4.61
CA LEU A 91 0.48 -4.16 -4.40
C LEU A 91 -0.27 -3.04 -5.07
N LEU A 92 -1.47 -3.35 -5.54
CA LEU A 92 -2.31 -2.38 -6.24
C LEU A 92 -3.65 -2.23 -5.53
N ALA A 93 -3.90 -1.05 -4.94
CA ALA A 93 -5.23 -0.76 -4.39
C ALA A 93 -5.92 0.25 -5.30
N ILE A 94 -6.90 -0.21 -6.06
CA ILE A 94 -7.61 0.69 -6.95
C ILE A 94 -9.07 0.82 -6.53
N SER A 95 -9.51 2.08 -6.43
CA SER A 95 -10.89 2.40 -6.12
CA SER A 95 -10.90 2.39 -6.14
C SER A 95 -11.48 3.20 -7.28
N LEU A 96 -12.60 2.76 -7.83
CA LEU A 96 -13.17 3.48 -8.97
C LEU A 96 -14.68 3.31 -8.97
N PRO A 97 -15.41 4.27 -9.56
CA PRO A 97 -16.88 4.25 -9.41
C PRO A 97 -17.63 3.26 -10.27
N GLN A 98 -17.09 2.89 -11.43
CA GLN A 98 -17.82 2.06 -12.37
C GLN A 98 -16.93 1.09 -13.11
N VAL A 99 -17.53 -0.01 -13.56
CA VAL A 99 -16.84 -0.97 -14.42
C VAL A 99 -16.87 -0.48 -15.85
N ASP A 100 -15.68 -0.15 -16.35
CA ASP A 100 -15.50 0.32 -17.71
C ASP A 100 -14.39 -0.55 -18.29
N HIS A 101 -14.74 -1.44 -19.20
CA HIS A 101 -13.79 -2.44 -19.67
C HIS A 101 -12.68 -1.87 -20.53
N GLU A 102 -12.99 -0.88 -21.37
CA GLU A 102 -11.96 -0.17 -22.12
C GLU A 102 -10.99 0.50 -21.17
N TRP A 103 -11.52 1.11 -20.12
CA TRP A 103 -10.66 1.78 -19.14
C TRP A 103 -9.81 0.75 -18.40
N LEU A 104 -10.45 -0.30 -17.88
CA LEU A 104 -9.73 -1.33 -17.13
C LEU A 104 -8.65 -1.99 -17.99
N GLU A 105 -8.95 -2.24 -19.26
CA GLU A 105 -7.94 -2.80 -20.16
C GLU A 105 -6.71 -1.90 -20.31
N GLY A 106 -6.93 -0.63 -20.59
CA GLY A 106 -5.82 0.31 -20.71
C GLY A 106 -5.04 0.46 -19.41
N PHE A 107 -5.75 0.61 -18.31
CA PHE A 107 -5.13 0.77 -17.00
C PHE A 107 -4.25 -0.43 -16.65
N SER A 108 -4.79 -1.62 -16.80
CA SER A 108 -4.02 -2.79 -16.43
CA SER A 108 -4.07 -2.86 -16.51
C SER A 108 -2.82 -2.97 -17.37
N GLN A 109 -2.96 -2.61 -18.65
CA GLN A 109 -1.81 -2.65 -19.55
C GLN A 109 -0.71 -1.69 -19.08
N GLY A 110 -1.11 -0.54 -18.56
CA GLY A 110 -0.14 0.44 -18.06
C GLY A 110 0.57 -0.07 -16.82
N ILE A 111 -0.18 -0.67 -15.90
CA ILE A 111 0.40 -1.30 -14.72
C ILE A 111 1.45 -2.33 -15.12
N TYR A 112 1.05 -3.26 -15.97
CA TYR A 112 1.95 -4.34 -16.34
C TYR A 112 3.12 -3.90 -17.24
N ASP A 113 2.90 -2.93 -18.14
CA ASP A 113 4.01 -2.43 -18.95
C ASP A 113 5.09 -1.83 -18.06
N CYS A 114 4.70 -1.09 -17.03
CA CYS A 114 5.70 -0.50 -16.16
C CYS A 114 6.36 -1.60 -15.34
N CYS A 115 5.55 -2.50 -14.77
CA CYS A 115 6.11 -3.61 -14.00
C CYS A 115 7.11 -4.41 -14.81
N ASN A 116 6.75 -4.73 -16.04
CA ASN A 116 7.63 -5.53 -16.89
C ASN A 116 8.92 -4.82 -17.25
N GLN A 117 8.85 -3.51 -17.46
CA GLN A 117 10.03 -2.75 -17.83
CA GLN A 117 10.02 -2.73 -17.83
C GLN A 117 11.09 -2.83 -16.74
N PHE A 118 10.64 -2.90 -15.50
CA PHE A 118 11.58 -2.84 -14.38
C PHE A 118 11.66 -4.14 -13.57
N GLY A 119 11.08 -5.20 -14.11
CA GLY A 119 11.25 -6.53 -13.55
C GLY A 119 10.54 -6.75 -12.23
N VAL A 120 9.38 -6.12 -12.10
CA VAL A 120 8.60 -6.06 -10.87
C VAL A 120 7.35 -6.93 -11.00
N ALA A 121 6.98 -7.62 -9.92
CA ALA A 121 5.80 -8.49 -9.92
C ALA A 121 4.63 -7.83 -9.21
N LEU A 122 3.42 -7.95 -9.77
CA LEU A 122 2.22 -7.52 -9.08
C LEU A 122 1.69 -8.70 -8.28
N ILE A 123 1.79 -8.62 -6.95
CA ILE A 123 1.55 -9.81 -6.13
C ILE A 123 0.31 -9.74 -5.26
N GLY A 124 -0.41 -8.63 -5.30
CA GLY A 124 -1.57 -8.50 -4.45
C GLY A 124 -2.17 -7.12 -4.58
N GLY A 125 -3.25 -6.89 -3.86
CA GLY A 125 -3.93 -5.61 -3.92
C GLY A 125 -5.34 -5.66 -3.38
N ASP A 126 -6.13 -4.68 -3.74
CA ASP A 126 -7.51 -4.57 -3.31
C ASP A 126 -8.29 -3.80 -4.35
N THR A 127 -9.45 -4.33 -4.72
CA THR A 127 -10.25 -3.75 -5.80
C THR A 127 -11.58 -3.29 -5.24
N THR A 128 -11.89 -2.01 -5.44
CA THR A 128 -12.93 -1.34 -4.67
C THR A 128 -13.82 -0.48 -5.56
N GLN A 129 -15.12 -0.51 -5.31
CA GLN A 129 -16.04 0.45 -5.90
C GLN A 129 -16.10 1.67 -5.00
N GLY A 130 -15.67 2.82 -5.49
CA GLY A 130 -15.72 4.05 -4.71
C GLY A 130 -16.02 5.23 -5.60
N PRO A 131 -16.47 6.35 -5.02
CA PRO A 131 -17.02 7.45 -5.84
C PRO A 131 -16.01 8.17 -6.72
N HIS A 132 -14.73 8.12 -6.36
CA HIS A 132 -13.73 8.88 -7.08
C HIS A 132 -12.47 8.06 -7.31
N LEU A 133 -12.02 8.01 -8.57
CA LEU A 133 -10.87 7.22 -8.96
C LEU A 133 -9.64 7.59 -8.13
N THR A 134 -9.18 6.62 -7.33
CA THR A 134 -8.08 6.79 -6.41
C THR A 134 -7.23 5.52 -6.47
N ILE A 135 -5.93 5.67 -6.67
CA ILE A 135 -5.04 4.52 -6.81
C ILE A 135 -3.93 4.62 -5.80
N THR A 136 -3.75 3.59 -4.96
CA THR A 136 -2.57 3.56 -4.10
C THR A 136 -1.79 2.30 -4.40
N VAL A 137 -0.56 2.47 -4.88
CA VAL A 137 0.33 1.35 -5.11
C VAL A 137 1.33 1.32 -3.95
N THR A 138 1.59 0.13 -3.43
CA THR A 138 2.69 -0.10 -2.48
C THR A 138 3.82 -0.76 -3.25
N ALA A 139 5.05 -0.26 -3.10
CA ALA A 139 6.18 -0.92 -3.74
C ALA A 139 7.12 -1.52 -2.70
N MET A 140 7.69 -2.65 -3.06
CA MET A 140 8.62 -3.38 -2.22
CA MET A 140 8.62 -3.39 -2.24
C MET A 140 9.93 -3.60 -2.95
N GLY A 141 11.03 -3.29 -2.27
CA GLY A 141 12.35 -3.55 -2.80
C GLY A 141 13.23 -4.17 -1.75
N TRP A 142 14.46 -4.49 -2.11
CA TRP A 142 15.41 -5.08 -1.17
C TRP A 142 16.76 -4.40 -1.33
N ILE A 143 17.48 -4.29 -0.23
CA ILE A 143 18.82 -3.70 -0.29
C ILE A 143 19.74 -4.37 0.74
N GLU A 144 20.99 -4.55 0.35
CA GLU A 144 22.03 -4.97 1.28
C GLU A 144 21.90 -4.24 2.62
N THR A 145 21.86 -5.01 3.71
CA THR A 145 21.58 -4.45 5.02
C THR A 145 22.53 -3.30 5.37
N GLY A 146 21.93 -2.17 5.73
CA GLY A 146 22.67 -1.01 6.17
C GLY A 146 23.12 -0.07 5.08
N LYS A 147 22.87 -0.42 3.82
CA LYS A 147 23.42 0.33 2.69
CA LYS A 147 23.43 0.34 2.70
C LYS A 147 22.44 1.31 2.04
N ALA A 148 21.27 1.51 2.64
CA ALA A 148 20.35 2.49 2.05
C ALA A 148 20.95 3.89 2.00
N VAL A 149 20.65 4.60 0.91
CA VAL A 149 20.99 6.01 0.78
C VAL A 149 19.86 6.83 1.37
N LEU A 150 20.17 7.63 2.38
CA LEU A 150 19.17 8.39 3.11
C LEU A 150 19.12 9.82 2.61
N ARG A 151 18.17 10.60 3.12
CA ARG A 151 18.14 12.02 2.83
C ARG A 151 19.15 12.79 3.69
N SER A 152 19.56 12.18 4.80
CA SER A 152 20.66 12.69 5.59
C SER A 152 21.94 12.16 4.97
N GLY A 153 23.07 12.77 5.29
CA GLY A 153 24.34 12.27 4.80
C GLY A 153 25.11 13.24 3.91
N ALA A 154 24.45 14.26 3.40
CA ALA A 154 25.13 15.22 2.54
C ALA A 154 26.17 15.99 3.35
N LYS A 155 27.36 16.15 2.78
CA LYS A 155 28.45 16.85 3.46
C LYS A 155 28.94 18.06 2.67
N VAL A 156 29.45 19.07 3.37
CA VAL A 156 30.00 20.25 2.72
C VAL A 156 31.03 19.85 1.67
N GLY A 157 30.89 20.42 0.47
CA GLY A 157 31.79 20.12 -0.62
C GLY A 157 31.26 19.07 -1.58
N ASP A 158 30.24 18.32 -1.16
CA ASP A 158 29.67 17.31 -2.04
C ASP A 158 29.00 17.99 -3.23
N TYR A 159 29.12 17.40 -4.40
CA TYR A 159 28.39 17.90 -5.57
C TYR A 159 26.92 17.58 -5.42
N VAL A 160 26.08 18.48 -5.94
CA VAL A 160 24.64 18.19 -6.12
C VAL A 160 24.43 17.82 -7.57
N CYS A 161 23.76 16.69 -7.81
CA CYS A 161 23.49 16.23 -9.16
C CYS A 161 22.01 15.91 -9.33
N VAL A 162 21.54 15.93 -10.57
CA VAL A 162 20.20 15.44 -10.85
C VAL A 162 20.23 14.65 -12.15
N SER A 163 19.38 13.62 -12.24
CA SER A 163 19.31 12.80 -13.43
C SER A 163 18.34 13.40 -14.46
N GLY A 164 18.53 13.03 -15.72
CA GLY A 164 17.56 13.35 -16.75
C GLY A 164 17.36 14.84 -16.97
N GLN A 165 16.10 15.24 -17.15
CA GLN A 165 15.77 16.65 -17.28
C GLN A 165 14.76 17.04 -16.23
N ILE A 166 14.77 18.30 -15.84
CA ILE A 166 13.80 18.81 -14.88
C ILE A 166 12.99 19.93 -15.52
N GLY A 167 11.70 19.93 -15.21
CA GLY A 167 10.78 20.94 -15.72
C GLY A 167 9.89 20.46 -16.86
N ASP A 168 10.20 19.30 -17.44
CA ASP A 168 9.43 18.81 -18.59
C ASP A 168 7.96 18.61 -18.25
N ALA A 169 7.73 17.86 -17.17
CA ALA A 169 6.36 17.49 -16.81
C ALA A 169 5.54 18.70 -16.43
N ALA A 170 6.16 19.67 -15.75
CA ALA A 170 5.46 20.87 -15.35
C ALA A 170 5.09 21.73 -16.54
N TYR A 171 6.02 21.85 -17.50
CA TYR A 171 5.70 22.51 -18.76
C TYR A 171 4.55 21.77 -19.46
N GLY A 172 4.64 20.44 -19.49
CA GLY A 172 3.62 19.62 -20.12
C GLY A 172 2.24 19.90 -19.55
N LEU A 173 2.17 20.00 -18.24
CA LEU A 173 0.90 20.23 -17.56
C LEU A 173 0.25 21.54 -18.02
N GLN A 174 1.06 22.57 -18.24
CA GLN A 174 0.55 23.87 -18.65
C GLN A 174 0.41 23.99 -20.16
N HIS A 175 0.75 22.93 -20.88
CA HIS A 175 0.65 22.90 -22.33
C HIS A 175 0.13 21.56 -22.80
N LEU A 176 -1.01 21.13 -22.27
CA LEU A 176 -1.51 19.79 -22.59
C LEU A 176 -1.65 19.65 -24.10
N GLY A 177 -1.14 18.55 -24.63
CA GLY A 177 -1.12 18.32 -26.06
C GLY A 177 0.27 18.49 -26.65
N HIS A 178 1.10 19.27 -25.95
CA HIS A 178 2.50 19.42 -26.34
C HIS A 178 3.22 18.07 -26.17
N SER A 179 4.26 17.85 -26.96
CA SER A 179 5.06 16.62 -26.84
CA SER A 179 5.06 16.64 -26.84
C SER A 179 5.53 16.37 -25.41
N LEU A 180 5.83 17.43 -24.66
CA LEU A 180 6.35 17.25 -23.29
C LEU A 180 5.29 16.75 -22.32
N GLN A 181 4.03 16.65 -22.78
CA GLN A 181 3.01 15.98 -21.97
C GLN A 181 3.43 14.54 -21.72
N GLN A 182 4.24 13.98 -22.60
CA GLN A 182 4.71 12.61 -22.40
C GLN A 182 5.50 12.45 -21.10
N ARG A 183 6.16 13.52 -20.66
CA ARG A 183 6.94 13.45 -19.42
C ARG A 183 6.05 13.59 -18.19
N LEU A 184 4.90 14.23 -18.38
CA LEU A 184 3.87 14.28 -17.36
C LEU A 184 3.19 12.93 -17.21
N ASP A 185 2.79 12.35 -18.34
CA ASP A 185 2.01 11.13 -18.34
C ASP A 185 2.87 9.91 -18.03
N TYR A 186 4.09 9.92 -18.54
CA TYR A 186 4.99 8.77 -18.48
C TYR A 186 6.36 9.12 -17.90
N PRO A 187 6.41 9.49 -16.62
CA PRO A 187 7.72 9.69 -16.00
C PRO A 187 8.51 8.39 -16.01
N THR A 188 9.83 8.47 -16.04
CA THR A 188 10.65 7.27 -16.00
C THR A 188 11.31 7.14 -14.64
N PRO A 189 10.95 6.10 -13.86
CA PRO A 189 11.66 5.89 -12.60
C PRO A 189 13.10 5.47 -12.88
N ARG A 190 14.07 6.06 -12.20
CA ARG A 190 15.47 5.82 -12.56
C ARG A 190 15.99 4.66 -11.74
N CYS A 191 15.44 3.48 -12.01
CA CYS A 191 15.68 2.32 -11.15
C CYS A 191 17.13 1.88 -11.15
N LYS A 192 17.72 1.70 -12.33
CA LYS A 192 19.11 1.26 -12.39
C LYS A 192 20.06 2.30 -11.81
N LEU A 193 19.79 3.58 -12.07
CA LEU A 193 20.65 4.63 -11.53
C LEU A 193 20.64 4.58 -9.99
N GLY A 194 19.45 4.41 -9.41
CA GLY A 194 19.33 4.28 -7.98
C GLY A 194 20.24 3.19 -7.44
N GLU A 195 20.17 2.01 -8.07
CA GLU A 195 21.04 0.92 -7.68
C GLU A 195 22.52 1.25 -7.83
N GLU A 196 22.86 1.97 -8.89
CA GLU A 196 24.26 2.26 -9.16
C GLU A 196 24.78 3.34 -8.21
N LEU A 197 23.87 4.03 -7.51
CA LEU A 197 24.28 5.06 -6.57
C LEU A 197 24.48 4.52 -5.13
N LYS A 198 24.03 3.30 -4.88
CA LYS A 198 24.33 2.62 -3.61
C LYS A 198 25.84 2.57 -3.44
N GLY A 199 26.33 3.08 -2.32
CA GLY A 199 27.77 3.06 -2.08
C GLY A 199 28.51 4.25 -2.65
N LEU A 200 27.82 5.07 -3.44
CA LEU A 200 28.44 6.25 -4.05
C LEU A 200 27.80 7.55 -3.60
N ALA A 201 26.47 7.63 -3.61
CA ALA A 201 25.79 8.86 -3.22
C ALA A 201 25.85 9.04 -1.72
N SER A 202 26.09 10.26 -1.27
CA SER A 202 26.09 10.56 0.16
C SER A 202 24.68 10.87 0.69
N SER A 203 23.75 11.24 -0.20
CA SER A 203 22.33 11.41 0.14
C SER A 203 21.55 11.40 -1.17
N MET A 204 20.23 11.20 -1.08
CA MET A 204 19.43 11.10 -2.29
C MET A 204 17.95 11.30 -1.97
N ILE A 205 17.23 11.81 -2.96
CA ILE A 205 15.78 11.97 -2.90
C ILE A 205 15.26 11.91 -4.33
N ASP A 206 14.03 11.47 -4.54
CA ASP A 206 13.47 11.63 -5.89
C ASP A 206 12.65 12.93 -5.97
N VAL A 207 12.58 13.48 -7.17
CA VAL A 207 12.01 14.82 -7.34
C VAL A 207 10.56 14.73 -7.77
N SER A 208 9.69 14.54 -6.78
CA SER A 208 8.25 14.48 -7.01
C SER A 208 7.60 15.86 -6.92
N ASP A 209 8.14 16.71 -6.05
CA ASP A 209 7.48 17.99 -5.74
C ASP A 209 8.11 19.18 -6.43
N GLY A 210 9.40 19.09 -6.73
CA GLY A 210 10.15 20.15 -7.37
C GLY A 210 11.57 20.12 -6.83
N LEU A 211 12.56 20.36 -7.68
CA LEU A 211 13.94 20.20 -7.26
CA LEU A 211 13.96 20.22 -7.27
C LEU A 211 14.27 21.03 -6.01
N ALA A 212 13.86 22.29 -5.98
CA ALA A 212 14.21 23.13 -4.84
C ALA A 212 13.64 22.57 -3.53
N GLN A 213 12.37 22.20 -3.54
CA GLN A 213 11.75 21.70 -2.32
C GLN A 213 12.31 20.33 -1.91
N ASP A 214 12.52 19.46 -2.89
CA ASP A 214 12.99 18.13 -2.55
C ASP A 214 14.47 18.13 -2.16
N LEU A 215 15.29 18.89 -2.87
CA LEU A 215 16.66 19.07 -2.40
C LEU A 215 16.62 19.67 -0.99
N GLY A 216 15.67 20.57 -0.76
CA GLY A 216 15.46 21.15 0.56
C GLY A 216 15.30 20.11 1.68
N HIS A 217 14.68 18.98 1.38
CA HIS A 217 14.54 17.94 2.40
C HIS A 217 15.90 17.35 2.74
N ILE A 218 16.76 17.18 1.74
CA ILE A 218 18.14 16.74 1.98
C ILE A 218 18.90 17.76 2.82
N LEU A 219 18.78 19.03 2.44
CA LEU A 219 19.48 20.09 3.17
C LEU A 219 19.06 20.12 4.63
N LYS A 220 17.76 20.02 4.91
CA LYS A 220 17.28 20.02 6.29
C LYS A 220 17.73 18.78 7.06
N ALA A 221 17.63 17.62 6.42
CA ALA A 221 17.99 16.38 7.10
C ALA A 221 19.49 16.31 7.39
N SER A 222 20.27 16.94 6.52
CA SER A 222 21.73 16.90 6.60
C SER A 222 22.31 18.11 7.32
N LYS A 223 21.45 19.11 7.60
CA LYS A 223 21.85 20.37 8.25
C LYS A 223 22.97 21.10 7.50
N VAL A 224 22.75 21.25 6.19
CA VAL A 224 23.65 21.95 5.29
C VAL A 224 22.82 22.78 4.31
N GLY A 225 23.49 23.51 3.44
CA GLY A 225 22.81 24.23 2.37
C GLY A 225 23.40 23.87 1.03
N ALA A 226 23.05 24.62 -0.01
CA ALA A 226 23.58 24.35 -1.34
C ALA A 226 23.54 25.61 -2.17
N ARG A 227 24.49 25.71 -3.09
CA ARG A 227 24.50 26.74 -4.11
C ARG A 227 24.31 26.06 -5.45
N LEU A 228 23.24 26.42 -6.16
CA LEU A 228 22.96 25.81 -7.46
C LEU A 228 23.29 26.79 -8.57
N ILE A 229 23.71 26.22 -9.70
CA ILE A 229 24.13 27.00 -10.87
CA ILE A 229 24.14 26.97 -10.88
C ILE A 229 23.04 26.93 -11.93
N LEU A 230 22.34 28.06 -12.12
CA LEU A 230 21.11 28.01 -12.93
C LEU A 230 21.34 27.59 -14.37
N GLU A 231 22.45 28.05 -14.97
CA GLU A 231 22.70 27.72 -16.37
C GLU A 231 23.09 26.25 -16.55
N LYS A 232 23.36 25.54 -15.45
CA LYS A 232 23.66 24.10 -15.53
CA LYS A 232 23.66 24.11 -15.55
C LYS A 232 22.44 23.20 -15.35
N LEU A 233 21.32 23.75 -14.88
CA LEU A 233 20.12 22.91 -14.72
C LEU A 233 19.74 22.27 -16.05
N PRO A 234 19.54 20.94 -16.07
CA PRO A 234 19.25 20.28 -17.34
C PRO A 234 17.79 20.43 -17.74
N VAL A 235 17.53 21.36 -18.63
CA VAL A 235 16.17 21.60 -19.09
C VAL A 235 16.05 21.23 -20.55
N ASP A 236 14.82 20.97 -20.98
CA ASP A 236 14.57 20.64 -22.38
C ASP A 236 14.88 21.84 -23.28
N PRO A 237 15.33 21.58 -24.52
CA PRO A 237 15.48 22.67 -25.49
C PRO A 237 14.25 23.58 -25.59
N VAL A 238 13.05 23.03 -25.40
CA VAL A 238 11.85 23.85 -25.46
C VAL A 238 11.85 24.88 -24.35
N LEU A 239 12.24 24.48 -23.15
CA LEU A 239 12.30 25.43 -22.03
C LEU A 239 13.48 26.40 -22.16
N GLN A 240 14.54 26.01 -22.86
CA GLN A 240 15.66 26.93 -23.07
CA GLN A 240 15.66 26.92 -23.11
C GLN A 240 15.19 28.15 -23.88
N GLN A 241 14.12 27.99 -24.63
CA GLN A 241 13.62 29.07 -25.49
C GLN A 241 12.49 29.89 -24.87
N ILE A 242 12.15 29.62 -23.61
CA ILE A 242 11.19 30.50 -22.94
C ILE A 242 11.88 31.39 -21.92
N GLU A 243 11.17 32.44 -21.51
CA GLU A 243 11.62 33.39 -20.51
CA GLU A 243 11.62 33.39 -20.51
C GLU A 243 12.32 32.69 -19.36
N GLU A 244 13.52 33.13 -19.02
CA GLU A 244 14.34 32.40 -18.06
C GLU A 244 13.67 32.25 -16.69
N GLN A 245 12.91 33.24 -16.21
CA GLN A 245 12.34 33.08 -14.88
CA GLN A 245 12.28 33.11 -14.89
C GLN A 245 11.21 32.02 -14.93
N GLN A 246 10.50 31.95 -16.04
CA GLN A 246 9.52 30.89 -16.27
CA GLN A 246 9.52 30.91 -16.33
C GLN A 246 10.20 29.53 -16.37
N ARG A 247 11.30 29.48 -17.12
CA ARG A 247 12.13 28.29 -17.25
C ARG A 247 12.54 27.76 -15.89
N TRP A 248 13.07 28.65 -15.05
CA TRP A 248 13.59 28.32 -13.71
CA TRP A 248 13.61 28.14 -13.82
C TRP A 248 12.51 27.85 -12.78
N GLN A 249 11.34 28.48 -12.90
CA GLN A 249 10.21 28.08 -12.08
C GLN A 249 9.78 26.66 -12.44
N TYR A 250 9.68 26.34 -13.73
CA TYR A 250 9.35 24.97 -14.11
C TYR A 250 10.41 23.99 -13.58
N ALA A 251 11.69 24.33 -13.77
CA ALA A 251 12.77 23.43 -13.40
C ALA A 251 12.86 23.21 -11.89
N LEU A 252 12.63 24.27 -11.12
CA LEU A 252 12.89 24.21 -9.69
C LEU A 252 11.67 24.01 -8.83
N ALA A 253 10.50 24.39 -9.35
CA ALA A 253 9.27 24.32 -8.56
C ALA A 253 8.14 23.60 -9.28
N GLY A 254 8.41 23.09 -10.48
CA GLY A 254 7.37 22.44 -11.25
C GLY A 254 6.88 21.11 -10.69
N GLY A 255 7.82 20.25 -10.31
CA GLY A 255 7.47 18.95 -9.79
C GLY A 255 7.06 17.95 -10.87
N ASP A 256 6.68 16.76 -10.44
CA ASP A 256 6.28 15.67 -11.33
C ASP A 256 7.44 15.14 -12.18
N ASP A 257 8.68 15.48 -11.85
CA ASP A 257 9.81 14.99 -12.65
C ASP A 257 10.08 13.50 -12.41
N TYR A 258 10.07 13.10 -11.14
CA TYR A 258 10.48 11.77 -10.71
C TYR A 258 11.86 11.40 -11.24
N GLU A 259 12.75 12.40 -11.19
CA GLU A 259 14.18 12.21 -11.40
C GLU A 259 14.82 11.99 -10.05
N LEU A 260 16.09 11.59 -10.05
CA LEU A 260 16.83 11.46 -8.79
C LEU A 260 17.76 12.66 -8.58
N CYS A 261 17.70 13.25 -7.39
CA CYS A 261 18.61 14.30 -6.97
C CYS A 261 19.48 13.71 -5.88
N PHE A 262 20.79 13.84 -6.03
CA PHE A 262 21.67 13.21 -5.07
C PHE A 262 22.91 14.06 -4.84
N THR A 263 23.56 13.83 -3.71
CA THR A 263 24.84 14.47 -3.44
C THR A 263 25.93 13.40 -3.48
N ILE A 264 27.15 13.83 -3.75
CA ILE A 264 28.22 12.88 -3.99
C ILE A 264 29.56 13.59 -3.87
N THR A 265 30.53 12.95 -3.22
CA THR A 265 31.85 13.57 -3.13
C THR A 265 32.49 13.67 -4.52
N PRO A 266 33.39 14.64 -4.72
CA PRO A 266 34.08 14.71 -6.01
C PRO A 266 34.73 13.39 -6.37
N GLN A 267 35.29 12.74 -5.35
CA GLN A 267 35.96 11.46 -5.51
CA GLN A 267 35.96 11.44 -5.50
C GLN A 267 34.99 10.40 -6.04
N ASN A 268 33.84 10.27 -5.39
CA ASN A 268 32.87 9.26 -5.81
C ASN A 268 32.19 9.64 -7.13
N TYR A 269 32.11 10.93 -7.43
CA TYR A 269 31.55 11.38 -8.71
C TYR A 269 32.40 10.87 -9.88
N GLU A 270 33.72 10.91 -9.74
CA GLU A 270 34.60 10.39 -10.77
C GLU A 270 34.35 8.89 -10.96
N LYS A 271 34.09 8.18 -9.86
CA LYS A 271 33.78 6.75 -9.95
C LYS A 271 32.46 6.53 -10.69
N LEU A 272 31.48 7.39 -10.41
CA LEU A 272 30.17 7.30 -11.04
C LEU A 272 30.27 7.51 -12.55
N LEU A 273 31.10 8.47 -12.94
CA LEU A 273 31.29 8.79 -14.36
C LEU A 273 31.92 7.63 -15.13
N GLN A 274 32.54 6.70 -14.41
CA GLN A 274 33.17 5.54 -15.03
C GLN A 274 32.17 4.42 -15.31
N LYS A 275 30.97 4.54 -14.76
CA LYS A 275 29.93 3.54 -14.98
C LYS A 275 29.17 3.83 -16.28
N GLN A 276 28.60 2.79 -16.88
CA GLN A 276 27.65 2.96 -17.97
C GLN A 276 26.26 3.13 -17.38
N LEU A 277 25.71 4.33 -17.48
CA LEU A 277 24.39 4.60 -16.91
C LEU A 277 23.34 4.68 -18.00
N ASP A 278 22.07 4.47 -17.66
CA ASP A 278 21.02 4.51 -18.68
C ASP A 278 20.27 5.84 -18.71
N VAL A 279 20.86 6.86 -18.11
CA VAL A 279 20.27 8.19 -18.07
C VAL A 279 21.37 9.21 -17.89
N LYS A 280 21.19 10.42 -18.42
CA LYS A 280 22.22 11.40 -18.19
C LYS A 280 22.17 11.91 -16.76
N ILE A 281 23.31 12.41 -16.33
CA ILE A 281 23.57 12.91 -14.99
C ILE A 281 24.14 14.29 -15.16
N THR A 282 23.69 15.26 -14.37
CA THR A 282 24.21 16.62 -14.47
C THR A 282 24.57 17.16 -13.10
N MET A 283 25.80 17.62 -12.97
CA MET A 283 26.24 18.31 -11.77
C MET A 283 25.69 19.73 -11.83
N ILE A 284 24.93 20.13 -10.81
CA ILE A 284 24.23 21.41 -10.84
C ILE A 284 24.58 22.33 -9.68
N GLY A 285 25.54 21.94 -8.85
CA GLY A 285 25.91 22.78 -7.73
C GLY A 285 26.63 22.01 -6.66
N GLN A 286 26.68 22.58 -5.46
CA GLN A 286 27.52 22.02 -4.42
C GLN A 286 26.93 22.30 -3.05
N ILE A 287 27.15 21.37 -2.12
CA ILE A 287 26.71 21.52 -0.74
C ILE A 287 27.63 22.48 -0.01
N VAL A 288 27.06 23.39 0.78
CA VAL A 288 27.83 24.39 1.54
C VAL A 288 27.44 24.36 3.01
N GLU A 289 28.25 25.00 3.85
CA GLU A 289 27.96 25.08 5.28
C GLU A 289 26.71 25.90 5.57
N GLN A 290 26.60 27.04 4.90
CA GLN A 290 25.47 27.93 5.07
C GLN A 290 24.16 27.21 4.81
N THR A 291 23.26 27.20 5.79
CA THR A 291 22.03 26.42 5.65
C THR A 291 20.97 27.19 4.89
N LYS A 292 21.27 27.44 3.63
CA LYS A 292 20.37 28.17 2.74
C LYS A 292 20.56 27.58 1.36
N LEU A 293 19.47 27.49 0.59
CA LEU A 293 19.53 27.17 -0.83
C LEU A 293 19.61 28.46 -1.62
N THR A 294 20.76 28.67 -2.27
CA THR A 294 20.97 29.88 -3.07
C THR A 294 21.26 29.52 -4.52
N PHE A 295 21.08 30.50 -5.40
CA PHE A 295 21.19 30.29 -6.83
C PHE A 295 22.12 31.33 -7.43
N GLU A 296 22.88 30.93 -8.44
CA GLU A 296 23.67 31.90 -9.17
C GLU A 296 23.45 31.70 -10.65
N HIS A 297 23.59 32.79 -11.40
CA HIS A 297 23.51 32.76 -12.85
C HIS A 297 24.77 33.36 -13.42
N LEU A 298 25.61 32.51 -14.02
CA LEU A 298 26.88 32.93 -14.62
C LEU A 298 27.67 33.86 -13.69
N GLY A 299 27.83 33.40 -12.45
CA GLY A 299 28.66 34.11 -11.49
C GLY A 299 27.96 35.15 -10.62
N SER A 300 26.72 35.47 -10.96
CA SER A 300 25.97 36.49 -10.22
C SER A 300 24.92 35.85 -9.32
N ASP A 301 24.79 36.38 -8.11
CA ASP A 301 23.72 35.96 -7.21
C ASP A 301 22.38 36.20 -7.90
N TYR A 302 21.50 35.21 -7.82
CA TYR A 302 20.21 35.29 -8.51
C TYR A 302 19.09 35.03 -7.53
N PRO A 303 18.44 36.09 -7.03
CA PRO A 303 17.31 35.95 -6.13
C PRO A 303 16.15 35.20 -6.80
N LEU A 304 15.56 34.26 -6.08
CA LEU A 304 14.50 33.44 -6.67
C LEU A 304 13.50 32.99 -5.60
N GLN A 305 12.23 33.28 -5.82
CA GLN A 305 11.16 32.85 -4.92
C GLN A 305 10.50 31.58 -5.44
N ILE A 306 10.51 30.52 -4.63
CA ILE A 306 9.99 29.24 -5.08
C ILE A 306 8.86 28.74 -4.18
N HIS A 307 7.70 28.49 -4.79
CA HIS A 307 6.55 27.96 -4.08
C HIS A 307 6.46 26.45 -4.31
N GLY A 308 6.54 25.70 -3.21
CA GLY A 308 6.55 24.26 -3.31
C GLY A 308 5.19 23.60 -3.27
N TYR A 309 5.13 22.32 -3.66
CA TYR A 309 3.87 21.59 -3.66
C TYR A 309 3.57 20.96 -2.30
N GLN A 310 2.35 21.18 -1.84
CA GLN A 310 1.87 20.54 -0.63
C GLN A 310 0.38 20.34 -0.75
N HIS A 311 -0.12 19.20 -0.28
CA HIS A 311 -1.55 19.00 -0.27
C HIS A 311 -2.14 19.90 0.79
N PHE A 312 -3.36 20.39 0.55
CA PHE A 312 -4.07 21.28 1.47
C PHE A 312 -3.36 22.63 1.61
N ALA A 313 -2.45 22.91 0.69
CA ALA A 313 -1.80 24.22 0.65
C ALA A 313 -2.79 25.26 0.17
N ALA B 10 -1.67 22.31 6.46
CA ALA B 10 -0.58 21.93 5.58
C ALA B 10 -0.20 20.45 5.77
N GLU B 11 0.04 19.77 4.66
CA GLU B 11 0.37 18.35 4.65
C GLU B 11 1.49 17.95 5.62
N PHE B 12 2.60 18.66 5.57
CA PHE B 12 3.78 18.27 6.34
C PHE B 12 3.53 18.35 7.86
N SER B 13 2.83 19.38 8.30
CA SER B 13 2.52 19.53 9.71
C SER B 13 1.46 18.50 10.13
N ILE B 14 0.60 18.10 9.19
CA ILE B 14 -0.41 17.09 9.48
C ILE B 14 0.26 15.76 9.82
N ILE B 15 1.22 15.37 9.00
CA ILE B 15 1.94 14.13 9.22
C ILE B 15 2.65 14.16 10.57
N ASP B 16 3.33 15.26 10.85
CA ASP B 16 4.11 15.36 12.07
C ASP B 16 3.21 15.35 13.31
N GLN B 17 2.06 16.00 13.23
CA GLN B 17 1.17 16.08 14.39
C GLN B 17 0.35 14.80 14.64
N TYR B 18 -0.12 14.18 13.57
CA TYR B 18 -1.08 13.08 13.73
C TYR B 18 -0.53 11.70 13.38
N PHE B 19 0.50 11.63 12.55
CA PHE B 19 0.89 10.32 12.04
C PHE B 19 2.36 10.00 12.26
N ASN B 20 3.00 10.70 13.20
CA ASN B 20 4.40 10.44 13.50
C ASN B 20 4.56 10.48 15.01
N ARG B 21 3.62 9.86 15.70
CA ARG B 21 3.42 10.12 17.13
C ARG B 21 4.29 9.26 18.01
N GLN B 22 4.74 8.14 17.48
CA GLN B 22 5.40 7.18 18.33
C GLN B 22 6.73 6.68 17.78
N SER B 23 7.61 6.30 18.69
CA SER B 23 8.86 5.66 18.36
C SER B 23 8.64 4.16 18.41
N HIS B 24 9.35 3.41 17.56
CA HIS B 24 9.11 1.98 17.45
C HIS B 24 10.41 1.19 17.48
N PRO B 25 10.55 0.30 18.48
CA PRO B 25 11.73 -0.51 18.77
C PRO B 25 12.35 -1.24 17.57
N ASP B 26 11.54 -1.96 16.80
CA ASP B 26 12.07 -2.85 15.78
C ASP B 26 11.87 -2.33 14.35
N VAL B 27 12.24 -1.07 14.11
CA VAL B 27 12.15 -0.50 12.77
C VAL B 27 13.48 0.15 12.35
N ALA B 28 14.11 -0.39 11.31
CA ALA B 28 15.42 0.10 10.89
C ALA B 28 15.35 1.56 10.44
N LEU B 29 14.27 1.90 9.75
CA LEU B 29 14.01 3.29 9.34
C LEU B 29 12.51 3.50 9.19
N GLY B 30 11.98 4.41 10.01
CA GLY B 30 10.56 4.73 9.93
C GLY B 30 10.35 6.01 9.15
N ILE B 31 9.27 6.71 9.51
CA ILE B 31 8.82 7.90 8.80
C ILE B 31 9.90 8.95 8.64
N GLY B 32 9.99 9.49 7.42
CA GLY B 32 10.87 10.63 7.18
C GLY B 32 11.69 10.57 5.91
N ASP B 33 11.75 9.39 5.30
CA ASP B 33 12.53 9.21 4.07
C ASP B 33 11.62 8.74 2.94
N ASP B 34 12.21 8.46 1.79
CA ASP B 34 11.41 8.03 0.63
C ASP B 34 10.74 6.68 0.82
N SER B 35 11.42 5.78 1.54
CA SER B 35 10.85 4.49 1.90
C SER B 35 11.17 4.21 3.35
N ALA B 36 10.46 3.24 3.92
CA ALA B 36 10.81 2.71 5.24
C ALA B 36 11.70 1.50 5.04
N LEU B 37 12.44 1.14 6.09
CA LEU B 37 13.35 -0.01 6.04
C LEU B 37 13.07 -0.96 7.18
N ILE B 38 12.94 -2.26 6.86
CA ILE B 38 12.75 -3.28 7.89
CA ILE B 38 12.75 -3.28 7.89
C ILE B 38 13.78 -4.39 7.72
N THR B 39 14.43 -4.75 8.83
CA THR B 39 15.35 -5.89 8.85
C THR B 39 14.53 -7.15 9.16
N PRO B 40 14.47 -8.11 8.23
CA PRO B 40 13.68 -9.32 8.48
C PRO B 40 14.23 -10.16 9.62
N PRO B 41 13.35 -10.82 10.37
CA PRO B 41 13.83 -11.88 11.23
C PRO B 41 14.39 -13.01 10.37
N PRO B 42 15.32 -13.80 10.91
CA PRO B 42 15.91 -14.90 10.13
C PRO B 42 14.89 -15.98 9.81
N ASN B 43 15.05 -16.65 8.66
CA ASN B 43 14.24 -17.83 8.31
C ASN B 43 12.75 -17.55 8.27
N GLN B 44 12.39 -16.34 7.84
CA GLN B 44 11.00 -15.94 7.77
C GLN B 44 10.67 -15.23 6.48
N GLN B 45 9.44 -15.42 6.03
CA GLN B 45 8.94 -14.76 4.84
C GLN B 45 8.18 -13.50 5.22
N LEU B 46 8.23 -12.52 4.31
CA LEU B 46 7.38 -11.35 4.39
C LEU B 46 5.95 -11.72 4.04
N VAL B 47 5.01 -11.26 4.86
CA VAL B 47 3.59 -11.47 4.67
C VAL B 47 3.01 -10.08 4.48
N ILE B 48 2.35 -9.83 3.34
CA ILE B 48 1.98 -8.45 3.05
C ILE B 48 0.64 -8.35 2.34
N CYS B 49 -0.14 -7.34 2.72
CA CYS B 49 -1.49 -7.16 2.20
C CYS B 49 -1.88 -5.69 2.28
N ALA B 50 -2.92 -5.33 1.52
CA ALA B 50 -3.50 -3.99 1.60
C ALA B 50 -5.00 -4.08 1.38
N ASP B 51 -5.75 -3.30 2.16
CA ASP B 51 -7.21 -3.20 2.09
C ASP B 51 -7.58 -1.73 2.09
N THR B 52 -8.56 -1.37 1.27
CA THR B 52 -9.06 -0.01 1.19
C THR B 52 -10.41 0.14 1.89
N LEU B 53 -10.57 1.21 2.66
CA LEU B 53 -11.90 1.60 3.17
C LEU B 53 -12.34 2.89 2.51
N VAL B 54 -13.57 2.91 2.01
CA VAL B 54 -14.15 4.06 1.35
C VAL B 54 -15.31 4.57 2.18
N ALA B 55 -15.33 5.86 2.49
CA ALA B 55 -16.42 6.40 3.30
C ALA B 55 -17.76 6.20 2.60
N GLY B 56 -18.75 5.73 3.36
CA GLY B 56 -20.07 5.51 2.82
C GLY B 56 -20.22 4.16 2.13
N ARG B 57 -19.12 3.44 1.94
CA ARG B 57 -19.19 2.06 1.45
C ARG B 57 -18.75 1.07 2.53
N HIS B 58 -17.59 1.29 3.13
CA HIS B 58 -17.12 0.39 4.20
C HIS B 58 -17.55 0.83 5.59
N PHE B 59 -18.09 2.05 5.69
CA PHE B 59 -18.60 2.52 6.97
C PHE B 59 -19.60 3.62 6.74
N PRO B 60 -20.63 3.71 7.60
CA PRO B 60 -21.60 4.79 7.53
C PRO B 60 -20.89 6.16 7.53
N LEU B 61 -21.44 7.12 6.80
CA LEU B 61 -20.77 8.42 6.69
C LEU B 61 -20.57 9.08 8.05
N GLU B 62 -21.47 8.78 8.98
CA GLU B 62 -21.44 9.41 10.30
C GLU B 62 -20.58 8.68 11.34
N THR B 63 -19.87 7.64 10.90
CA THR B 63 -18.99 6.87 11.78
C THR B 63 -17.95 7.77 12.44
N SER B 64 -17.67 7.51 13.72
CA SER B 64 -16.69 8.35 14.43
C SER B 64 -15.31 8.15 13.83
N PRO B 65 -14.51 9.23 13.82
CA PRO B 65 -13.16 9.13 13.26
C PRO B 65 -12.30 8.10 13.98
N HIS B 66 -12.48 7.94 15.29
CA HIS B 66 -11.72 6.94 16.04
C HIS B 66 -12.03 5.53 15.51
N ALA B 67 -13.30 5.25 15.23
CA ALA B 67 -13.68 3.94 14.72
C ALA B 67 -13.15 3.74 13.30
N ILE B 68 -13.14 4.82 12.52
CA ILE B 68 -12.63 4.72 11.16
C ILE B 68 -11.14 4.37 11.22
N GLY B 69 -10.39 5.02 12.10
CA GLY B 69 -8.98 4.71 12.25
C GLY B 69 -8.72 3.29 12.74
N TRP B 70 -9.45 2.90 13.77
CA TRP B 70 -9.34 1.54 14.28
C TRP B 70 -9.58 0.49 13.19
N LYS B 71 -10.69 0.64 12.47
CA LYS B 71 -11.08 -0.40 11.52
C LYS B 71 -10.13 -0.42 10.33
N SER B 72 -9.60 0.74 9.96
CA SER B 72 -8.64 0.83 8.87
C SER B 72 -7.44 -0.08 9.12
N VAL B 73 -6.99 -0.13 10.36
CA VAL B 73 -5.88 -1.01 10.75
C VAL B 73 -6.38 -2.44 10.93
N ALA B 74 -7.47 -2.59 11.66
CA ALA B 74 -7.94 -3.91 12.06
C ALA B 74 -8.19 -4.84 10.88
N VAL B 75 -8.78 -4.33 9.80
CA VAL B 75 -9.13 -5.23 8.70
C VAL B 75 -7.84 -5.75 8.05
N ASN B 76 -6.78 -4.95 8.09
CA ASN B 76 -5.53 -5.38 7.49
C ASN B 76 -4.78 -6.37 8.39
N LEU B 77 -4.81 -6.16 9.70
CA LEU B 77 -4.24 -7.14 10.61
C LEU B 77 -4.97 -8.49 10.49
N SER B 78 -6.25 -8.44 10.14
CA SER B 78 -7.05 -9.65 9.97
CA SER B 78 -7.04 -9.66 9.96
C SER B 78 -6.50 -10.53 8.84
N ASP B 79 -6.08 -9.91 7.74
CA ASP B 79 -5.51 -10.67 6.63
C ASP B 79 -4.13 -11.23 6.95
N ILE B 80 -3.35 -10.54 7.79
CA ILE B 80 -2.09 -11.09 8.27
C ILE B 80 -2.37 -12.29 9.16
N ALA B 81 -3.32 -12.13 10.07
CA ALA B 81 -3.70 -13.19 11.00
C ALA B 81 -4.19 -14.43 10.25
N ALA B 82 -4.87 -14.20 9.13
CA ALA B 82 -5.43 -15.29 8.34
C ALA B 82 -4.35 -16.17 7.69
N MET B 83 -3.10 -15.72 7.73
CA MET B 83 -1.97 -16.51 7.21
C MET B 83 -1.24 -17.24 8.33
N GLY B 84 -1.61 -16.95 9.57
CA GLY B 84 -0.88 -17.48 10.72
C GLY B 84 0.30 -16.63 11.13
N ALA B 85 0.42 -15.42 10.58
CA ALA B 85 1.62 -14.63 10.74
C ALA B 85 1.50 -13.61 11.85
N LYS B 86 2.65 -13.11 12.29
CA LYS B 86 2.74 -12.08 13.31
C LYS B 86 2.83 -10.71 12.66
N PRO B 87 1.85 -9.84 12.94
CA PRO B 87 1.93 -8.50 12.31
C PRO B 87 3.09 -7.68 12.89
N HIS B 88 3.65 -6.84 12.04
CA HIS B 88 4.85 -6.10 12.39
C HIS B 88 4.67 -4.59 12.22
N SER B 89 4.20 -4.18 11.04
CA SER B 89 4.11 -2.76 10.75
CA SER B 89 4.14 -2.76 10.72
C SER B 89 3.04 -2.46 9.70
N ILE B 90 2.69 -1.18 9.59
CA ILE B 90 1.75 -0.75 8.57
C ILE B 90 2.23 0.51 7.86
N LEU B 91 1.67 0.72 6.67
CA LEU B 91 1.72 2.00 5.96
C LEU B 91 0.31 2.56 5.91
N LEU B 92 0.18 3.87 5.98
CA LEU B 92 -1.12 4.52 5.94
C LEU B 92 -1.21 5.49 4.76
N ALA B 93 -2.08 5.18 3.79
CA ALA B 93 -2.34 6.09 2.69
C ALA B 93 -3.73 6.66 2.87
N ILE B 94 -3.81 7.93 3.20
CA ILE B 94 -5.10 8.55 3.40
C ILE B 94 -5.35 9.72 2.46
N SER B 95 -6.51 9.70 1.81
CA SER B 95 -6.95 10.79 0.94
CA SER B 95 -6.94 10.78 0.95
C SER B 95 -8.22 11.38 1.53
N LEU B 96 -8.25 12.69 1.69
CA LEU B 96 -9.43 13.32 2.26
C LEU B 96 -9.59 14.75 1.77
N PRO B 97 -10.84 15.25 1.73
CA PRO B 97 -11.03 16.54 1.06
C PRO B 97 -10.60 17.76 1.85
N GLN B 98 -10.65 17.69 3.17
CA GLN B 98 -10.32 18.88 3.96
C GLN B 98 -9.57 18.52 5.23
N VAL B 99 -8.86 19.51 5.77
CA VAL B 99 -8.20 19.38 7.06
C VAL B 99 -9.20 19.72 8.16
N ASP B 100 -9.50 18.72 8.97
CA ASP B 100 -10.40 18.85 10.11
C ASP B 100 -9.64 18.32 11.32
N HIS B 101 -9.20 19.20 12.21
CA HIS B 101 -8.29 18.79 13.27
C HIS B 101 -8.97 17.92 14.32
N GLU B 102 -10.25 18.15 14.58
CA GLU B 102 -11.00 17.26 15.45
C GLU B 102 -11.10 15.87 14.85
N TRP B 103 -11.38 15.80 13.54
CA TRP B 103 -11.46 14.52 12.87
C TRP B 103 -10.11 13.81 12.87
N LEU B 104 -9.06 14.54 12.51
CA LEU B 104 -7.73 13.95 12.41
C LEU B 104 -7.24 13.43 13.77
N GLU B 105 -7.55 14.16 14.83
CA GLU B 105 -7.17 13.73 16.17
C GLU B 105 -7.82 12.39 16.52
N GLY B 106 -9.12 12.29 16.29
CA GLY B 106 -9.81 11.03 16.55
C GLY B 106 -9.34 9.89 15.67
N PHE B 107 -9.17 10.17 14.39
CA PHE B 107 -8.71 9.19 13.43
C PHE B 107 -7.33 8.64 13.81
N SER B 108 -6.41 9.54 14.11
CA SER B 108 -5.06 9.18 14.55
CA SER B 108 -5.07 9.07 14.45
C SER B 108 -5.10 8.30 15.78
N GLN B 109 -5.95 8.71 16.73
CA GLN B 109 -6.06 7.95 17.97
C GLN B 109 -6.56 6.53 17.68
N GLY B 110 -7.46 6.39 16.73
CA GLY B 110 -7.93 5.06 16.34
C GLY B 110 -6.85 4.20 15.69
N ILE B 111 -6.12 4.79 14.75
CA ILE B 111 -4.98 4.13 14.12
C ILE B 111 -4.03 3.61 15.19
N TYR B 112 -3.62 4.50 16.09
CA TYR B 112 -2.59 4.13 17.05
C TYR B 112 -3.11 3.22 18.14
N ASP B 113 -4.39 3.36 18.50
CA ASP B 113 -4.94 2.44 19.49
C ASP B 113 -4.90 1.01 18.95
N CYS B 114 -5.20 0.83 17.67
CA CYS B 114 -5.19 -0.51 17.10
C CYS B 114 -3.75 -1.02 16.98
N CYS B 115 -2.87 -0.19 16.43
CA CYS B 115 -1.45 -0.56 16.35
C CYS B 115 -0.88 -0.94 17.70
N ASN B 116 -1.14 -0.13 18.72
CA ASN B 116 -0.55 -0.38 20.02
C ASN B 116 -1.09 -1.66 20.64
N GLN B 117 -2.38 -1.95 20.42
CA GLN B 117 -2.99 -3.15 20.96
CA GLN B 117 -2.96 -3.15 21.01
C GLN B 117 -2.30 -4.42 20.46
N PHE B 118 -1.80 -4.35 19.23
CA PHE B 118 -1.25 -5.54 18.59
C PHE B 118 0.25 -5.44 18.30
N GLY B 119 0.91 -4.44 18.89
CA GLY B 119 2.35 -4.32 18.84
C GLY B 119 2.89 -3.98 17.45
N VAL B 120 2.14 -3.14 16.74
CA VAL B 120 2.43 -2.82 15.36
C VAL B 120 2.94 -1.38 15.23
N ALA B 121 3.91 -1.16 14.35
CA ALA B 121 4.47 0.16 14.10
C ALA B 121 3.90 0.80 12.85
N LEU B 122 3.62 2.11 12.90
CA LEU B 122 3.26 2.86 11.69
C LEU B 122 4.53 3.47 11.14
N ILE B 123 4.99 2.99 9.98
CA ILE B 123 6.35 3.30 9.52
C ILE B 123 6.41 4.13 8.26
N GLY B 124 5.26 4.44 7.66
CA GLY B 124 5.27 5.21 6.43
C GLY B 124 3.86 5.34 5.90
N GLY B 125 3.74 6.01 4.76
CA GLY B 125 2.42 6.27 4.22
C GLY B 125 2.46 7.39 3.21
N ASP B 126 1.27 7.92 2.91
CA ASP B 126 1.11 9.02 1.97
C ASP B 126 -0.14 9.78 2.35
N THR B 127 -0.05 11.10 2.33
CA THR B 127 -1.15 11.96 2.79
C THR B 127 -1.56 12.86 1.64
N THR B 128 -2.84 12.78 1.29
CA THR B 128 -3.31 13.34 0.03
C THR B 128 -4.63 14.08 0.21
N GLN B 129 -4.79 15.16 -0.54
CA GLN B 129 -6.07 15.83 -0.63
C GLN B 129 -6.83 15.21 -1.78
N GLY B 130 -8.02 14.70 -1.53
CA GLY B 130 -8.84 14.12 -2.57
C GLY B 130 -10.31 14.30 -2.26
N PRO B 131 -11.18 14.21 -3.29
CA PRO B 131 -12.59 14.57 -3.13
C PRO B 131 -13.38 13.72 -2.15
N HIS B 132 -12.94 12.49 -1.91
CA HIS B 132 -13.72 11.57 -1.09
C HIS B 132 -12.84 10.74 -0.17
N LEU B 133 -13.16 10.73 1.12
CA LEU B 133 -12.39 9.99 2.12
C LEU B 133 -12.16 8.53 1.73
N THR B 134 -10.89 8.21 1.48
CA THR B 134 -10.47 6.90 1.01
C THR B 134 -9.19 6.53 1.75
N ILE B 135 -9.18 5.40 2.43
CA ILE B 135 -8.04 4.99 3.25
C ILE B 135 -7.53 3.66 2.79
N THR B 136 -6.24 3.56 2.48
CA THR B 136 -5.64 2.27 2.21
C THR B 136 -4.47 2.04 3.13
N VAL B 137 -4.62 1.05 4.01
CA VAL B 137 -3.54 0.62 4.88
C VAL B 137 -2.88 -0.60 4.26
N THR B 138 -1.56 -0.60 4.26
CA THR B 138 -0.77 -1.79 3.94
C THR B 138 -0.27 -2.40 5.24
N ALA B 139 -0.44 -3.71 5.42
CA ALA B 139 0.10 -4.38 6.59
C ALA B 139 1.22 -5.33 6.22
N MET B 140 2.22 -5.40 7.09
CA MET B 140 3.36 -6.29 6.90
CA MET B 140 3.37 -6.28 6.91
C MET B 140 3.54 -7.16 8.14
N GLY B 141 3.77 -8.44 7.92
CA GLY B 141 4.08 -9.35 9.00
C GLY B 141 5.18 -10.30 8.57
N TRP B 142 5.58 -11.19 9.47
CA TRP B 142 6.61 -12.18 9.17
C TRP B 142 6.16 -13.54 9.67
N ILE B 143 6.58 -14.59 8.98
CA ILE B 143 6.25 -15.95 9.40
C ILE B 143 7.38 -16.91 9.05
N GLU B 144 7.59 -17.91 9.91
CA GLU B 144 8.55 -18.97 9.60
C GLU B 144 8.33 -19.47 8.18
N THR B 145 9.41 -19.53 7.41
CA THR B 145 9.33 -19.90 6.00
C THR B 145 8.62 -21.25 5.79
N GLY B 146 7.62 -21.24 4.91
CA GLY B 146 6.86 -22.43 4.58
C GLY B 146 5.72 -22.76 5.53
N LYS B 147 5.56 -21.99 6.60
CA LYS B 147 4.53 -22.32 7.59
C LYS B 147 3.25 -21.49 7.51
N ALA B 148 3.11 -20.68 6.47
CA ALA B 148 1.86 -19.95 6.28
C ALA B 148 0.68 -20.92 6.11
N VAL B 149 -0.46 -20.53 6.70
CA VAL B 149 -1.70 -21.26 6.55
C VAL B 149 -2.39 -20.69 5.32
N LEU B 150 -2.56 -21.53 4.32
CA LEU B 150 -3.06 -21.10 3.00
C LEU B 150 -4.54 -21.39 2.84
N ARG B 151 -5.17 -20.78 1.86
CA ARG B 151 -6.56 -21.13 1.55
C ARG B 151 -6.66 -22.50 0.86
N SER B 152 -5.57 -22.93 0.26
N SER B 152 -5.53 -23.01 0.40
CA SER B 152 -5.49 -24.27 -0.29
CA SER B 152 -5.51 -24.20 -0.47
C SER B 152 -5.13 -25.20 0.85
C SER B 152 -5.23 -25.55 0.21
N GLY B 153 -5.27 -26.50 0.64
N GLY B 153 -5.17 -25.58 1.53
CA GLY B 153 -4.79 -27.45 1.64
CA GLY B 153 -4.72 -26.78 2.23
C GLY B 153 -5.79 -27.93 2.67
C GLY B 153 -5.75 -27.69 2.88
N ALA B 154 -7.03 -27.43 2.64
CA ALA B 154 -8.09 -28.11 3.38
C ALA B 154 -8.22 -29.56 2.86
N LYS B 155 -8.43 -30.51 3.75
CA LYS B 155 -8.53 -31.93 3.37
C LYS B 155 -9.84 -32.56 3.81
N VAL B 156 -10.32 -33.52 3.01
CA VAL B 156 -11.52 -34.27 3.37
C VAL B 156 -11.37 -34.83 4.78
N GLY B 157 -12.40 -34.61 5.60
CA GLY B 157 -12.38 -35.06 6.96
C GLY B 157 -12.02 -33.98 7.96
N ASP B 158 -11.40 -32.90 7.50
CA ASP B 158 -11.06 -31.79 8.39
C ASP B 158 -12.33 -31.13 8.94
N TYR B 159 -12.27 -30.73 10.21
CA TYR B 159 -13.31 -29.89 10.79
C TYR B 159 -13.26 -28.49 10.21
N VAL B 160 -14.42 -27.86 10.06
CA VAL B 160 -14.52 -26.45 9.78
C VAL B 160 -14.85 -25.73 11.07
N CYS B 161 -14.07 -24.69 11.38
CA CYS B 161 -14.25 -23.90 12.59
C CYS B 161 -14.31 -22.41 12.29
N VAL B 162 -14.93 -21.66 13.18
CA VAL B 162 -14.90 -20.20 13.09
C VAL B 162 -14.73 -19.61 14.48
N SER B 163 -14.01 -18.50 14.56
CA SER B 163 -13.80 -17.80 15.81
C SER B 163 -14.92 -16.84 16.12
N GLY B 164 -15.09 -16.53 17.40
CA GLY B 164 -16.00 -15.48 17.84
C GLY B 164 -17.45 -15.70 17.46
N GLN B 165 -18.09 -14.62 17.01
CA GLN B 165 -19.47 -14.67 16.55
C GLN B 165 -19.54 -14.19 15.11
N ILE B 166 -20.51 -14.72 14.37
CA ILE B 166 -20.76 -14.24 13.02
C ILE B 166 -22.17 -13.67 12.92
N GLY B 167 -22.29 -12.58 12.15
CA GLY B 167 -23.55 -11.92 11.94
C GLY B 167 -23.73 -10.63 12.73
N ASP B 168 -22.85 -10.36 13.70
CA ASP B 168 -23.00 -9.22 14.61
C ASP B 168 -22.97 -7.91 13.84
N ALA B 169 -21.91 -7.75 13.04
CA ALA B 169 -21.67 -6.50 12.32
C ALA B 169 -22.77 -6.22 11.30
N ALA B 170 -23.27 -7.28 10.66
CA ALA B 170 -24.35 -7.13 9.68
C ALA B 170 -25.64 -6.68 10.36
N TYR B 171 -25.96 -7.29 11.49
CA TYR B 171 -27.10 -6.86 12.28
C TYR B 171 -26.93 -5.40 12.70
N GLY B 172 -25.73 -5.07 13.18
CA GLY B 172 -25.46 -3.73 13.65
C GLY B 172 -25.66 -2.66 12.60
N LEU B 173 -25.25 -2.97 11.36
CA LEU B 173 -25.41 -2.03 10.24
C LEU B 173 -26.89 -1.75 9.97
N GLN B 174 -27.74 -2.76 10.14
CA GLN B 174 -29.16 -2.62 9.88
C GLN B 174 -29.93 -2.06 11.08
N HIS B 175 -29.24 -1.95 12.20
CA HIS B 175 -29.82 -1.43 13.43
C HIS B 175 -28.85 -0.48 14.10
N LEU B 176 -28.46 0.58 13.38
CA LEU B 176 -27.48 1.51 13.92
C LEU B 176 -28.00 2.09 15.23
N GLY B 177 -27.12 2.18 16.21
CA GLY B 177 -27.49 2.59 17.55
C GLY B 177 -27.59 1.42 18.50
N HIS B 178 -27.82 0.23 17.95
CA HIS B 178 -27.85 -1.00 18.75
C HIS B 178 -26.44 -1.31 19.26
N SER B 179 -26.35 -2.05 20.36
CA SER B 179 -25.07 -2.41 20.95
CA SER B 179 -25.06 -2.39 20.94
CA SER B 179 -25.06 -2.42 20.94
C SER B 179 -24.18 -3.14 19.94
N LEU B 180 -24.78 -3.93 19.05
CA LEU B 180 -24.02 -4.69 18.06
C LEU B 180 -23.38 -3.80 16.99
N GLN B 181 -23.72 -2.51 16.97
CA GLN B 181 -22.98 -1.59 16.10
C GLN B 181 -21.51 -1.57 16.49
N GLN B 182 -21.19 -1.93 17.72
CA GLN B 182 -19.80 -2.00 18.15
C GLN B 182 -18.99 -3.01 17.35
N ARG B 183 -19.64 -4.07 16.87
CA ARG B 183 -18.97 -5.09 16.09
C ARG B 183 -18.80 -4.65 14.63
N LEU B 184 -19.64 -3.72 14.20
CA LEU B 184 -19.49 -3.07 12.90
C LEU B 184 -18.32 -2.09 12.95
N ASP B 185 -18.32 -1.22 13.95
CA ASP B 185 -17.33 -0.14 14.05
C ASP B 185 -15.97 -0.64 14.51
N TYR B 186 -15.97 -1.61 15.42
CA TYR B 186 -14.75 -2.08 16.05
C TYR B 186 -14.57 -3.60 15.95
N PRO B 187 -14.35 -4.10 14.74
CA PRO B 187 -14.05 -5.53 14.63
C PRO B 187 -12.73 -5.83 15.33
N THR B 188 -12.59 -7.04 15.84
CA THR B 188 -11.38 -7.45 16.52
C THR B 188 -10.60 -8.40 15.63
N PRO B 189 -9.40 -7.97 15.17
CA PRO B 189 -8.60 -8.91 14.39
C PRO B 189 -8.06 -9.99 15.31
N ARG B 190 -8.18 -11.25 14.92
CA ARG B 190 -7.86 -12.34 15.85
C ARG B 190 -6.39 -12.72 15.71
N CYS B 191 -5.53 -11.78 16.10
CA CYS B 191 -4.09 -11.89 15.83
C CYS B 191 -3.47 -13.08 16.53
N LYS B 192 -3.75 -13.24 17.82
CA LYS B 192 -3.12 -14.32 18.58
C LYS B 192 -3.64 -15.68 18.12
N LEU B 193 -4.94 -15.79 17.84
CA LEU B 193 -5.49 -17.05 17.36
C LEU B 193 -4.84 -17.45 16.04
N GLY B 194 -4.69 -16.48 15.13
CA GLY B 194 -4.00 -16.74 13.88
C GLY B 194 -2.62 -17.32 14.10
N GLU B 195 -1.85 -16.71 14.99
CA GLU B 195 -0.52 -17.23 15.28
C GLU B 195 -0.56 -18.63 15.89
N GLU B 196 -1.54 -18.86 16.76
CA GLU B 196 -1.64 -20.16 17.42
C GLU B 196 -2.13 -21.26 16.47
N LEU B 197 -2.67 -20.88 15.32
CA LEU B 197 -3.12 -21.87 14.34
C LEU B 197 -2.00 -22.27 13.39
N LYS B 198 -0.90 -21.50 13.42
CA LYS B 198 0.28 -21.85 12.65
C LYS B 198 0.78 -23.24 13.06
N GLY B 199 0.89 -24.13 12.08
CA GLY B 199 1.28 -25.51 12.33
C GLY B 199 0.17 -26.43 12.81
N LEU B 200 -1.05 -25.90 12.91
CA LEU B 200 -2.21 -26.68 13.34
C LEU B 200 -3.32 -26.69 12.30
N ALA B 201 -3.69 -25.51 11.81
CA ALA B 201 -4.74 -25.41 10.82
C ALA B 201 -4.27 -25.87 9.45
N SER B 202 -5.13 -26.58 8.72
CA SER B 202 -4.79 -27.00 7.37
C SER B 202 -5.11 -25.92 6.34
N SER B 203 -6.07 -25.05 6.65
CA SER B 203 -6.39 -23.90 5.79
C SER B 203 -7.04 -22.82 6.63
N MET B 204 -7.09 -21.61 6.12
CA MET B 204 -7.68 -20.50 6.86
C MET B 204 -8.03 -19.34 5.94
N ILE B 205 -9.03 -18.56 6.34
CA ILE B 205 -9.39 -17.32 5.67
C ILE B 205 -10.03 -16.42 6.72
N ASP B 206 -9.97 -15.09 6.56
CA ASP B 206 -10.75 -14.25 7.48
C ASP B 206 -12.07 -13.89 6.81
N VAL B 207 -13.09 -13.71 7.64
CA VAL B 207 -14.46 -13.59 7.14
C VAL B 207 -14.83 -12.12 6.99
N SER B 208 -14.41 -11.55 5.87
CA SER B 208 -14.71 -10.17 5.58
C SER B 208 -16.01 -10.03 4.80
N ASP B 209 -16.37 -11.04 4.02
CA ASP B 209 -17.48 -10.91 3.07
C ASP B 209 -18.72 -11.68 3.52
N GLY B 210 -18.50 -12.68 4.36
CA GLY B 210 -19.58 -13.57 4.74
C GLY B 210 -19.06 -15.00 4.76
N LEU B 211 -19.41 -15.73 5.81
CA LEU B 211 -18.86 -17.05 6.03
CA LEU B 211 -18.88 -17.06 6.05
C LEU B 211 -19.01 -17.99 4.83
N ALA B 212 -20.21 -18.03 4.24
CA ALA B 212 -20.41 -18.95 3.11
C ALA B 212 -19.49 -18.64 1.93
N GLN B 213 -19.41 -17.37 1.55
CA GLN B 213 -18.57 -16.99 0.42
C GLN B 213 -17.09 -17.13 0.73
N ASP B 214 -16.71 -16.78 1.95
CA ASP B 214 -15.29 -16.83 2.30
C ASP B 214 -14.82 -18.27 2.49
N LEU B 215 -15.62 -19.11 3.12
CA LEU B 215 -15.31 -20.54 3.14
C LEU B 215 -15.22 -21.06 1.71
N GLY B 216 -16.12 -20.57 0.84
CA GLY B 216 -16.07 -20.94 -0.56
C GLY B 216 -14.72 -20.76 -1.22
N HIS B 217 -13.98 -19.73 -0.82
CA HIS B 217 -12.66 -19.49 -1.40
C HIS B 217 -11.70 -20.61 -1.03
N ILE B 218 -11.82 -21.08 0.21
CA ILE B 218 -11.03 -22.23 0.66
C ILE B 218 -11.42 -23.48 -0.13
N LEU B 219 -12.72 -23.70 -0.29
CA LEU B 219 -13.19 -24.88 -0.98
C LEU B 219 -12.67 -24.91 -2.41
N LYS B 220 -12.73 -23.77 -3.09
CA LYS B 220 -12.25 -23.70 -4.47
C LYS B 220 -10.74 -23.88 -4.54
N ALA B 221 -10.00 -23.22 -3.64
CA ALA B 221 -8.54 -23.31 -3.63
C ALA B 221 -8.05 -24.71 -3.27
N SER B 222 -8.82 -25.40 -2.42
CA SER B 222 -8.44 -26.72 -1.93
C SER B 222 -9.03 -27.85 -2.77
N LYS B 223 -9.94 -27.49 -3.68
CA LYS B 223 -10.68 -28.46 -4.50
C LYS B 223 -11.41 -29.50 -3.66
N VAL B 224 -12.19 -29.01 -2.70
CA VAL B 224 -12.98 -29.84 -1.81
C VAL B 224 -14.32 -29.17 -1.63
N GLY B 225 -15.21 -29.82 -0.88
CA GLY B 225 -16.47 -29.21 -0.48
C GLY B 225 -16.61 -29.17 1.03
N ALA B 226 -17.77 -28.71 1.50
CA ALA B 226 -18.01 -28.67 2.93
C ALA B 226 -19.48 -28.84 3.22
N ARG B 227 -19.77 -29.35 4.40
CA ARG B 227 -21.13 -29.43 4.91
C ARG B 227 -21.15 -28.68 6.24
N LEU B 228 -21.92 -27.60 6.29
CA LEU B 228 -22.04 -26.80 7.50
C LEU B 228 -23.32 -27.10 8.26
N ILE B 229 -23.23 -27.00 9.58
CA ILE B 229 -24.34 -27.31 10.48
C ILE B 229 -24.93 -26.02 11.03
N LEU B 230 -26.13 -25.67 10.54
CA LEU B 230 -26.68 -24.34 10.80
C LEU B 230 -26.87 -24.04 12.29
N GLU B 231 -27.36 -25.04 13.04
CA GLU B 231 -27.63 -24.81 14.46
C GLU B 231 -26.34 -24.68 15.28
N LYS B 232 -25.19 -24.96 14.66
CA LYS B 232 -23.92 -24.80 15.36
C LYS B 232 -23.28 -23.42 15.13
N LEU B 233 -23.78 -22.65 14.17
CA LEU B 233 -23.19 -21.35 13.90
C LEU B 233 -23.27 -20.44 15.13
N PRO B 234 -22.14 -19.83 15.51
CA PRO B 234 -22.11 -19.00 16.72
C PRO B 234 -22.65 -17.60 16.47
N VAL B 235 -23.93 -17.42 16.77
CA VAL B 235 -24.56 -16.12 16.60
C VAL B 235 -24.85 -15.49 17.96
N ASP B 236 -25.02 -14.17 17.96
CA ASP B 236 -25.36 -13.42 19.15
C ASP B 236 -26.72 -13.83 19.68
N PRO B 237 -26.95 -13.69 21.00
CA PRO B 237 -28.29 -13.94 21.54
C PRO B 237 -29.37 -13.14 20.80
N VAL B 238 -29.05 -11.93 20.36
CA VAL B 238 -30.03 -11.11 19.65
C VAL B 238 -30.51 -11.81 18.37
N LEU B 239 -29.59 -12.46 17.67
CA LEU B 239 -29.94 -13.14 16.43
C LEU B 239 -30.69 -14.45 16.68
N GLN B 240 -30.51 -15.06 17.85
CA GLN B 240 -31.31 -16.26 18.15
C GLN B 240 -32.79 -15.93 18.22
N GLN B 241 -33.10 -14.67 18.47
CA GLN B 241 -34.47 -14.20 18.66
C GLN B 241 -35.15 -13.76 17.36
N ILE B 242 -34.44 -13.78 16.23
CA ILE B 242 -35.05 -13.37 14.96
C ILE B 242 -35.33 -14.63 14.13
N GLU B 243 -36.25 -14.56 13.16
CA GLU B 243 -36.69 -15.78 12.49
C GLU B 243 -35.52 -16.32 11.68
N GLU B 244 -35.51 -17.64 11.48
CA GLU B 244 -34.25 -18.29 11.16
C GLU B 244 -33.72 -17.95 9.78
N GLN B 245 -34.57 -17.65 8.80
CA GLN B 245 -34.04 -17.33 7.48
C GLN B 245 -33.19 -16.06 7.56
N GLN B 246 -33.70 -15.02 8.20
CA GLN B 246 -32.94 -13.80 8.34
C GLN B 246 -31.69 -14.05 9.19
N ARG B 247 -31.83 -14.91 10.20
CA ARG B 247 -30.70 -15.28 11.05
C ARG B 247 -29.57 -15.87 10.21
N TRP B 248 -29.92 -16.85 9.36
CA TRP B 248 -28.90 -17.50 8.54
C TRP B 248 -28.26 -16.53 7.57
N GLN B 249 -29.06 -15.60 7.05
CA GLN B 249 -28.53 -14.62 6.09
C GLN B 249 -27.52 -13.70 6.75
N TYR B 250 -27.82 -13.21 7.94
CA TYR B 250 -26.83 -12.42 8.70
C TYR B 250 -25.57 -13.23 8.96
N ALA B 251 -25.74 -14.47 9.41
CA ALA B 251 -24.62 -15.29 9.84
C ALA B 251 -23.72 -15.68 8.67
N LEU B 252 -24.34 -16.02 7.54
CA LEU B 252 -23.61 -16.61 6.43
C LEU B 252 -23.28 -15.63 5.31
N ALA B 253 -24.03 -14.54 5.21
CA ALA B 253 -23.83 -13.61 4.11
C ALA B 253 -23.72 -12.16 4.57
N GLY B 254 -23.68 -11.94 5.88
CA GLY B 254 -23.67 -10.58 6.38
C GLY B 254 -22.37 -9.85 6.14
N GLY B 255 -21.26 -10.52 6.41
CA GLY B 255 -19.95 -9.92 6.23
C GLY B 255 -19.57 -8.96 7.34
N ASP B 256 -18.37 -8.37 7.20
CA ASP B 256 -17.82 -7.42 8.17
C ASP B 256 -17.49 -8.07 9.50
N ASP B 257 -17.41 -9.39 9.53
CA ASP B 257 -17.16 -10.07 10.81
C ASP B 257 -15.71 -9.95 11.22
N TYR B 258 -14.84 -10.22 10.24
CA TYR B 258 -13.38 -10.27 10.43
C TYR B 258 -13.01 -11.25 11.54
N GLU B 259 -13.72 -12.38 11.54
CA GLU B 259 -13.37 -13.53 12.34
C GLU B 259 -12.52 -14.45 11.49
N LEU B 260 -11.94 -15.49 12.10
CA LEU B 260 -11.15 -16.44 11.33
C LEU B 260 -11.94 -17.72 11.09
N CYS B 261 -12.01 -18.15 9.84
CA CYS B 261 -12.57 -19.46 9.50
C CYS B 261 -11.44 -20.38 9.09
N PHE B 262 -11.36 -21.57 9.69
CA PHE B 262 -10.23 -22.43 9.41
C PHE B 262 -10.64 -23.89 9.40
N THR B 263 -9.83 -24.72 8.75
CA THR B 263 -10.02 -26.16 8.77
C THR B 263 -8.88 -26.79 9.55
N ILE B 264 -9.16 -27.95 10.15
CA ILE B 264 -8.20 -28.56 11.08
C ILE B 264 -8.58 -30.02 11.27
N THR B 265 -7.59 -30.90 11.36
CA THR B 265 -7.88 -32.30 11.62
C THR B 265 -8.44 -32.46 13.03
N PRO B 266 -9.21 -33.53 13.27
CA PRO B 266 -9.67 -33.78 14.65
C PRO B 266 -8.52 -33.82 15.65
N GLN B 267 -7.42 -34.44 15.25
CA GLN B 267 -6.25 -34.56 16.12
C GLN B 267 -5.69 -33.18 16.47
N ASN B 268 -5.54 -32.31 15.46
CA ASN B 268 -4.99 -30.99 15.71
C ASN B 268 -6.01 -30.10 16.41
N TYR B 269 -7.29 -30.38 16.24
CA TYR B 269 -8.32 -29.65 16.95
C TYR B 269 -8.19 -29.89 18.46
N GLU B 270 -7.89 -31.12 18.85
CA GLU B 270 -7.67 -31.43 20.25
C GLU B 270 -6.49 -30.66 20.81
N LYS B 271 -5.41 -30.60 20.02
CA LYS B 271 -4.23 -29.82 20.41
C LYS B 271 -4.59 -28.35 20.57
N LEU B 272 -5.39 -27.83 19.65
CA LEU B 272 -5.81 -26.44 19.73
C LEU B 272 -6.57 -26.17 21.03
N LEU B 273 -7.45 -27.10 21.39
CA LEU B 273 -8.28 -26.93 22.59
C LEU B 273 -7.43 -26.85 23.87
N GLN B 274 -6.28 -27.52 23.86
CA GLN B 274 -5.39 -27.51 25.03
C GLN B 274 -4.67 -26.18 25.22
N LYS B 275 -4.63 -25.36 24.18
CA LYS B 275 -4.07 -24.02 24.28
C LYS B 275 -5.02 -23.06 25.00
N GLN B 276 -4.48 -21.96 25.51
CA GLN B 276 -5.30 -20.91 26.09
C GLN B 276 -5.55 -19.81 25.07
N LEU B 277 -6.76 -19.73 24.54
CA LEU B 277 -7.06 -18.77 23.49
C LEU B 277 -7.78 -17.54 24.03
N ASP B 278 -7.65 -16.41 23.34
CA ASP B 278 -8.28 -15.17 23.78
C ASP B 278 -9.62 -14.95 23.08
N VAL B 279 -10.17 -16.02 22.51
CA VAL B 279 -11.40 -15.92 21.75
C VAL B 279 -12.09 -17.28 21.67
N LYS B 280 -13.42 -17.25 21.65
CA LYS B 280 -14.25 -18.41 21.39
C LYS B 280 -13.97 -19.07 20.04
N ILE B 281 -14.01 -20.41 20.01
CA ILE B 281 -13.84 -21.23 18.82
C ILE B 281 -15.02 -22.19 18.70
N THR B 282 -15.62 -22.29 17.51
CA THR B 282 -16.76 -23.18 17.32
C THR B 282 -16.59 -24.08 16.09
N MET B 283 -16.75 -25.39 16.29
CA MET B 283 -16.78 -26.34 15.18
C MET B 283 -18.16 -26.25 14.52
N ILE B 284 -18.19 -25.97 13.21
CA ILE B 284 -19.45 -25.72 12.51
C ILE B 284 -19.69 -26.63 11.32
N GLY B 285 -18.82 -27.60 11.09
CA GLY B 285 -19.01 -28.51 9.99
C GLY B 285 -17.75 -29.24 9.62
N GLN B 286 -17.71 -29.82 8.43
CA GLN B 286 -16.64 -30.72 8.03
CA GLN B 286 -16.51 -30.52 8.03
C GLN B 286 -16.34 -30.60 6.52
N ILE B 287 -15.11 -30.83 6.12
CA ILE B 287 -14.72 -30.84 4.71
C ILE B 287 -15.09 -32.18 4.08
N VAL B 288 -15.70 -32.13 2.90
CA VAL B 288 -16.13 -33.36 2.22
C VAL B 288 -15.57 -33.42 0.80
N GLU B 289 -15.68 -34.59 0.17
CA GLU B 289 -15.02 -34.82 -1.10
C GLU B 289 -15.69 -34.08 -2.27
N GLN B 290 -17.01 -34.16 -2.37
CA GLN B 290 -17.67 -33.54 -3.51
C GLN B 290 -17.62 -32.03 -3.36
N THR B 291 -17.30 -31.34 -4.45
CA THR B 291 -16.87 -29.95 -4.37
C THR B 291 -18.06 -29.00 -4.43
N LYS B 292 -18.85 -29.00 -3.37
CA LYS B 292 -19.94 -28.06 -3.20
C LYS B 292 -20.10 -27.70 -1.72
N LEU B 293 -20.74 -26.58 -1.44
CA LEU B 293 -21.07 -26.21 -0.07
C LEU B 293 -22.53 -26.53 0.20
N THR B 294 -22.79 -27.37 1.20
CA THR B 294 -24.15 -27.72 1.55
C THR B 294 -24.41 -27.38 3.00
N PHE B 295 -25.67 -27.12 3.32
CA PHE B 295 -26.03 -26.77 4.67
C PHE B 295 -26.92 -27.83 5.28
N GLU B 296 -26.74 -28.08 6.56
CA GLU B 296 -27.52 -29.08 7.25
C GLU B 296 -28.22 -28.42 8.43
N HIS B 297 -29.47 -28.76 8.64
CA HIS B 297 -30.22 -28.23 9.78
C HIS B 297 -30.91 -29.36 10.51
N LEU B 298 -30.46 -29.61 11.74
CA LEU B 298 -31.02 -30.66 12.59
C LEU B 298 -31.06 -32.01 11.87
N GLY B 299 -29.99 -32.32 11.15
CA GLY B 299 -29.84 -33.63 10.53
C GLY B 299 -30.35 -33.75 9.12
N SER B 300 -30.91 -32.67 8.57
CA SER B 300 -31.47 -32.70 7.23
C SER B 300 -30.80 -31.69 6.31
N ASP B 301 -30.69 -32.05 5.03
CA ASP B 301 -30.19 -31.10 4.04
C ASP B 301 -31.10 -29.87 4.00
N TYR B 302 -30.51 -28.71 3.78
CA TYR B 302 -31.20 -27.46 3.92
C TYR B 302 -30.78 -26.47 2.84
N PRO B 303 -31.60 -26.32 1.80
CA PRO B 303 -31.23 -25.41 0.71
C PRO B 303 -31.26 -23.94 1.13
N LEU B 304 -30.20 -23.21 0.80
CA LEU B 304 -30.12 -21.78 1.08
C LEU B 304 -29.56 -21.04 -0.12
N GLN B 305 -30.17 -19.92 -0.45
CA GLN B 305 -29.60 -19.01 -1.44
C GLN B 305 -28.81 -17.93 -0.71
N ILE B 306 -27.50 -17.90 -0.95
CA ILE B 306 -26.64 -16.97 -0.24
C ILE B 306 -25.80 -16.17 -1.24
N HIS B 307 -25.74 -14.86 -1.02
CA HIS B 307 -24.89 -13.99 -1.83
C HIS B 307 -23.95 -13.20 -0.93
N GLY B 308 -22.67 -13.51 -1.01
CA GLY B 308 -21.66 -12.78 -0.27
C GLY B 308 -21.34 -11.46 -0.94
N TYR B 309 -20.58 -10.61 -0.26
CA TYR B 309 -20.28 -9.28 -0.77
C TYR B 309 -19.33 -9.30 -1.96
N GLN B 310 -19.62 -8.45 -2.95
CA GLN B 310 -18.71 -8.25 -4.07
C GLN B 310 -18.86 -6.83 -4.61
N HIS B 311 -17.73 -6.14 -4.79
CA HIS B 311 -17.80 -4.79 -5.35
C HIS B 311 -18.30 -4.87 -6.80
N PHE B 312 -19.04 -3.83 -7.21
CA PHE B 312 -19.61 -3.74 -8.56
C PHE B 312 -20.69 -4.78 -8.86
N ALA B 313 -21.20 -5.43 -7.82
CA ALA B 313 -22.34 -6.33 -7.98
C ALA B 313 -23.50 -5.76 -7.18
PB ADP C . -9.60 -10.41 1.08
O1B ADP C . -8.82 -11.49 1.87
O2B ADP C . -11.13 -10.55 1.11
O3B ADP C . -9.16 -9.00 1.47
PA ADP C . -9.84 -9.98 -1.77
O1A ADP C . -11.06 -10.84 -2.10
O2A ADP C . -10.18 -8.54 -1.59
O3A ADP C . -9.21 -10.60 -0.45
O5' ADP C . -8.72 -10.25 -2.86
C5' ADP C . -8.51 -11.56 -3.42
C4' ADP C . -7.08 -11.67 -3.88
O4' ADP C . -6.87 -10.81 -5.03
C3' ADP C . -6.03 -11.28 -2.85
O3' ADP C . -4.92 -12.16 -2.94
C2' ADP C . -5.66 -9.84 -3.25
O2' ADP C . -4.32 -9.54 -2.88
C1' ADP C . -5.82 -9.90 -4.76
N9 ADP C . -6.15 -8.63 -5.38
C8 ADP C . -7.32 -7.92 -5.22
N7 ADP C . -7.40 -6.83 -5.96
C5 ADP C . -6.19 -6.81 -6.64
C6 ADP C . -5.63 -5.93 -7.59
N6 ADP C . -6.27 -4.85 -8.05
N1 ADP C . -4.41 -6.21 -8.06
C2 ADP C . -3.76 -7.30 -7.61
N3 ADP C . -4.18 -8.21 -6.73
C4 ADP C . -5.40 -7.92 -6.28
CA CA D . -11.54 -4.34 -0.03
MG MG E . -9.31 -7.07 0.06
NA NA F . 5.34 7.07 -0.74
N1' TPP G . -2.89 19.10 -11.61
C2' TPP G . -3.04 17.99 -12.35
CM2 TPP G . -4.39 17.73 -12.94
N3' TPP G . -2.09 17.08 -12.59
C4' TPP G . -0.88 17.28 -12.05
N4' TPP G . 0.06 16.38 -12.31
C5' TPP G . -0.63 18.43 -11.24
C6' TPP G . -1.69 19.29 -11.07
C7' TPP G . 0.72 18.70 -10.63
N3 TPP G . 0.97 17.88 -9.42
C2 TPP G . 0.08 17.07 -8.88
S1 TPP G . 0.68 16.30 -7.51
C5 TPP G . 2.20 17.11 -7.66
C4 TPP G . 2.18 17.93 -8.73
CM4 TPP G . 3.29 18.82 -9.20
C6 TPP G . 3.32 16.90 -6.67
C7 TPP G . 3.61 15.42 -6.58
O7 TPP G . 2.49 14.77 -5.94
PA TPP G . 2.67 14.26 -4.46
O1A TPP G . 3.12 15.37 -3.54
O2A TPP G . 1.45 13.56 -3.98
O3A TPP G . 3.86 13.23 -4.61
PB TPP G . 4.73 12.49 -3.50
O1B TPP G . 5.54 11.48 -4.26
O2B TPP G . 5.51 13.56 -2.80
O3B TPP G . 3.73 11.82 -2.56
CA CA H . 6.63 9.60 -3.69
CA CA I . 4.79 15.73 -2.11
MG MG J . 10.27 10.52 -2.56
N1' TPP K . -22.61 -0.05 3.91
C2' TPP K . -21.96 0.64 4.85
CM2 TPP K . -22.23 2.11 4.94
N3' TPP K . -21.07 0.13 5.71
C4' TPP K . -20.82 -1.18 5.66
N4' TPP K . -19.95 -1.68 6.55
C5' TPP K . -21.47 -2.01 4.68
C6' TPP K . -22.35 -1.36 3.85
C7' TPP K . -21.23 -3.49 4.58
N3 TPP K . -20.01 -3.82 3.80
C2 TPP K . -19.22 -2.93 3.25
S1 TPP K . -17.89 -3.62 2.50
C5 TPP K . -18.42 -5.21 2.96
C4 TPP K . -19.59 -5.13 3.63
CM4 TPP K . -20.43 -6.26 4.13
C6 TPP K . -17.59 -6.43 2.67
C7 TPP K . -16.21 -6.21 3.23
O7 TPP K . -15.53 -5.21 2.41
PA TPP K . -14.46 -5.68 1.34
O1A TPP K . -13.85 -4.52 0.64
O2A TPP K . -14.99 -6.70 0.39
O3A TPP K . -13.34 -6.38 2.25
PB TPP K . -12.12 -7.30 1.83
O1B TPP K . -11.36 -6.49 0.81
O2B TPP K . -11.38 -7.53 3.08
O3B TPP K . -12.70 -8.56 1.25
CA CA L . -9.24 -8.08 3.61
CA CA M . -14.44 -8.75 -0.22
MG MG N . -8.98 -11.95 3.82
PB ADP O . 7.68 11.41 -0.94
O1B ADP O . 9.11 10.87 -0.98
O2B ADP O . 7.58 12.81 -1.56
O3B ADP O . 6.64 10.43 -1.51
PA ADP O . 6.16 12.41 1.32
O1A ADP O . 6.55 13.86 1.46
O2A ADP O . 4.89 12.17 0.61
O3A ADP O . 7.36 11.63 0.61
O5' ADP O . 6.15 11.77 2.78
C5' ADP O . 7.14 12.14 3.76
C4' ADP O . 7.31 11.02 4.75
O4' ADP O . 6.12 10.90 5.56
C3' ADP O . 7.56 9.63 4.15
O3' ADP O . 8.52 8.91 4.92
C2' ADP O . 6.17 8.98 4.20
O2' ADP O . 6.23 7.56 4.28
C1' ADP O . 5.60 9.59 5.49
N9 ADP O . 4.14 9.69 5.50
C8 ADP O . 3.36 10.47 4.69
N7 ADP O . 2.08 10.42 4.98
C5 ADP O . 2.01 9.53 6.05
C6 ADP O . 0.93 9.05 6.81
N6 ADP O . -0.35 9.40 6.60
N1 ADP O . 1.21 8.17 7.80
C2 ADP O . 2.49 7.83 8.01
N3 ADP O . 3.59 8.22 7.36
C4 ADP O . 3.28 9.08 6.38
CA CA P . 1.44 11.64 -2.52
MG MG Q . 4.32 10.39 -0.89
NA NA R . -6.01 -6.97 1.28
#